data_1TZG
#
_entry.id   1TZG
#
_cell.length_a   157.300
_cell.length_b   45.100
_cell.length_c   198.500
_cell.angle_alpha   90.00
_cell.angle_beta   113.80
_cell.angle_gamma   90.00
#
_symmetry.space_group_name_H-M   'C 1 2 1'
#
loop_
_entity.id
_entity.type
_entity.pdbx_description
1 polymer 'Fab 4E10'
2 polymer 'Fab 4E10'
3 polymer 'Envelope polyprotein GP160'
4 non-polymer GLYCEROL
5 water water
#
loop_
_entity_poly.entity_id
_entity_poly.type
_entity_poly.pdbx_seq_one_letter_code
_entity_poly.pdbx_strand_id
1 'polypeptide(L)'
;EIVLTQSPGTQSLSPGERATLSCRASQSVGNNKLAWYQQRPGQAPRLLIYGASSRPSGVADRFSGSGSGTDFTLTISRLE
PEDFAVYYCQQYGQSLSTFGQGTKVEVKRTVAAPSVFIFPPSDEQLKSGTASVVCLLNNFYPREAKVQWKVDNALQSGNS
QESVTEQDSKDSTYSLSSTLTLSKADYEKHKVYACEVTHQGLSSPVTKSFNRGE
;
L,M
2 'polypeptide(L)'
;QVQLVQSGAEVKRPGSSVTVSCKASGGSFSTYALSWVRQAPGRGLEWMGGVIPLLTITNYAPRFQGRITITADRSTSTAY
LELNSLRPEDTAVYYCAREGTTGWGWLGKPIGAFAHWGQGTLVTVSSASTKGPSVFPLAPSSKSTSGGTAALGCLVKDYF
PEPVTVSWNSGALTSGVHTFPAVLQSSGLYSLSSVVTVPSSSLGTQTYICNVNHKPSNTKVDKKVEPKSCDK
;
H,I
3 'polypeptide(L)' KGWNWFDITNWGK P,Q
#
# COMPACT_ATOMS: atom_id res chain seq x y z
N GLU A 1 70.26 35.44 -28.45
CA GLU A 1 69.79 35.41 -27.04
C GLU A 1 70.45 34.26 -26.29
N ILE A 2 70.97 34.54 -25.12
CA ILE A 2 71.60 33.51 -24.31
C ILE A 2 70.55 32.80 -23.47
N VAL A 3 70.44 31.49 -23.68
CA VAL A 3 69.49 30.66 -22.94
C VAL A 3 70.18 30.06 -21.72
N LEU A 4 69.59 30.30 -20.55
CA LEU A 4 70.13 29.77 -19.32
C LEU A 4 69.26 28.59 -18.90
N THR A 5 69.88 27.43 -18.75
CA THR A 5 69.15 26.22 -18.38
C THR A 5 69.44 25.84 -16.94
N GLN A 6 68.38 25.71 -16.16
CA GLN A 6 68.48 25.34 -14.76
C GLN A 6 67.85 23.96 -14.62
N SER A 7 68.69 22.94 -14.47
CA SER A 7 68.23 21.57 -14.34
C SER A 7 68.95 20.84 -13.23
N PRO A 8 68.21 20.10 -12.41
CA PRO A 8 66.76 19.94 -12.51
C PRO A 8 65.99 21.17 -12.02
N GLY A 9 64.73 21.27 -12.40
CA GLY A 9 63.89 22.39 -12.00
C GLY A 9 63.42 22.30 -10.56
N THR A 10 63.53 21.11 -9.97
CA THR A 10 63.14 20.90 -8.59
C THR A 10 64.11 19.97 -7.86
N GLN A 11 64.52 20.34 -6.65
CA GLN A 11 65.39 19.48 -5.86
C GLN A 11 64.72 19.28 -4.52
N SER A 12 64.43 18.02 -4.20
CA SER A 12 63.82 17.63 -2.93
C SER A 12 64.96 17.23 -2.00
N LEU A 13 65.24 18.08 -1.01
CA LEU A 13 66.33 17.85 -0.07
C LEU A 13 65.93 17.98 1.41
N SER A 14 66.71 17.36 2.28
CA SER A 14 66.44 17.38 3.71
C SER A 14 67.04 18.61 4.40
N PRO A 15 66.37 19.10 5.46
CA PRO A 15 66.87 20.26 6.19
C PRO A 15 68.32 19.98 6.60
N GLY A 16 69.18 20.98 6.44
CA GLY A 16 70.57 20.78 6.81
C GLY A 16 71.44 20.15 5.73
N GLU A 17 70.83 19.62 4.67
CA GLU A 17 71.63 19.02 3.60
C GLU A 17 72.34 20.09 2.78
N ARG A 18 73.32 19.66 2.01
CA ARG A 18 74.08 20.54 1.13
C ARG A 18 73.27 20.65 -0.16
N ALA A 19 73.43 21.74 -0.91
CA ALA A 19 72.70 21.89 -2.16
C ALA A 19 73.53 22.55 -3.25
N THR A 20 73.54 21.94 -4.43
CA THR A 20 74.25 22.52 -5.57
C THR A 20 73.27 22.65 -6.73
N LEU A 21 73.13 23.89 -7.21
CA LEU A 21 72.24 24.20 -8.32
C LEU A 21 73.04 24.59 -9.55
N SER A 22 72.71 23.95 -10.66
CA SER A 22 73.37 24.19 -11.93
C SER A 22 72.65 25.19 -12.84
N CYS A 23 73.43 26.04 -13.50
CA CYS A 23 72.92 27.02 -14.46
C CYS A 23 73.88 26.94 -15.65
N ARG A 24 73.40 26.45 -16.78
CA ARG A 24 74.22 26.31 -17.99
C ARG A 24 73.77 27.28 -19.07
N ALA A 25 74.73 27.99 -19.66
CA ALA A 25 74.44 28.98 -20.70
C ALA A 25 74.60 28.42 -22.11
N SER A 26 73.75 28.86 -23.04
CA SER A 26 73.82 28.39 -24.43
C SER A 26 75.11 28.87 -25.09
N GLN A 27 75.74 29.87 -24.50
CA GLN A 27 77.00 30.40 -24.99
C GLN A 27 77.68 31.15 -23.86
N SER A 28 78.97 31.41 -24.03
CA SER A 28 79.77 32.08 -23.03
C SER A 28 79.13 33.36 -22.46
N VAL A 29 79.16 33.48 -21.14
CA VAL A 29 78.60 34.64 -20.47
C VAL A 29 79.67 35.74 -20.32
N GLY A 30 79.46 36.86 -20.98
CA GLY A 30 80.40 37.96 -20.93
C GLY A 30 80.88 38.39 -19.55
N ASN A 31 82.20 38.35 -19.36
CA ASN A 31 82.82 38.75 -18.10
C ASN A 31 82.23 38.08 -16.87
N ASN A 32 81.73 36.86 -17.06
CA ASN A 32 81.13 36.11 -15.96
C ASN A 32 80.04 36.87 -15.22
N LYS A 33 79.29 37.69 -15.95
CA LYS A 33 78.23 38.43 -15.33
C LYS A 33 77.00 37.55 -15.13
N LEU A 34 77.11 36.68 -14.14
CA LEU A 34 76.04 35.75 -13.81
C LEU A 34 75.62 36.07 -12.40
N ALA A 35 74.31 36.13 -12.17
CA ALA A 35 73.80 36.44 -10.85
C ALA A 35 72.78 35.42 -10.41
N TRP A 36 72.62 35.27 -9.09
CA TRP A 36 71.65 34.34 -8.53
C TRP A 36 70.68 35.07 -7.61
N TYR A 37 69.40 34.71 -7.69
CA TYR A 37 68.41 35.32 -6.81
C TYR A 37 67.56 34.29 -6.11
N GLN A 38 67.04 34.68 -4.95
CA GLN A 38 66.17 33.80 -4.22
C GLN A 38 64.79 34.44 -4.17
N GLN A 39 63.75 33.64 -4.30
CA GLN A 39 62.40 34.17 -4.22
C GLN A 39 61.46 33.21 -3.47
N ARG A 40 60.85 33.73 -2.42
CA ARG A 40 59.90 32.97 -1.61
C ARG A 40 58.52 33.40 -2.05
N PRO A 41 57.51 32.54 -1.85
CA PRO A 41 56.14 32.87 -2.25
C PRO A 41 55.71 34.23 -1.72
N GLY A 42 55.04 35.00 -2.58
CA GLY A 42 54.57 36.31 -2.17
C GLY A 42 55.62 37.41 -2.00
N GLN A 43 56.89 37.08 -2.12
CA GLN A 43 57.93 38.10 -1.95
C GLN A 43 58.64 38.41 -3.26
N ALA A 44 59.32 39.54 -3.29
CA ALA A 44 60.08 39.95 -4.45
C ALA A 44 61.42 39.20 -4.40
N PRO A 45 62.07 39.02 -5.57
CA PRO A 45 63.36 38.31 -5.63
C PRO A 45 64.42 39.04 -4.80
N ARG A 46 65.47 38.32 -4.41
CA ARG A 46 66.53 38.91 -3.60
C ARG A 46 67.90 38.47 -4.10
N LEU A 47 68.79 39.43 -4.34
CA LEU A 47 70.12 39.15 -4.85
C LEU A 47 70.98 38.38 -3.84
N LEU A 48 71.56 37.26 -4.30
CA LEU A 48 72.40 36.43 -3.44
C LEU A 48 73.84 36.46 -3.90
N ILE A 49 74.02 36.36 -5.21
CA ILE A 49 75.34 36.33 -5.83
C ILE A 49 75.35 37.13 -7.14
N TYR A 50 76.45 37.84 -7.40
CA TYR A 50 76.60 38.58 -8.65
C TYR A 50 78.03 38.37 -9.13
N GLY A 51 78.26 38.54 -10.43
CA GLY A 51 79.60 38.33 -10.95
C GLY A 51 80.04 36.88 -10.75
N ALA A 52 79.06 35.97 -10.76
CA ALA A 52 79.29 34.53 -10.60
C ALA A 52 79.72 34.08 -9.21
N SER A 53 80.55 34.87 -8.53
CA SER A 53 81.02 34.46 -7.21
C SER A 53 80.98 35.50 -6.09
N SER A 54 80.61 36.73 -6.41
CA SER A 54 80.58 37.76 -5.37
C SER A 54 79.27 37.76 -4.58
N ARG A 55 79.40 37.79 -3.26
CA ARG A 55 78.25 37.77 -2.38
C ARG A 55 78.12 39.11 -1.69
N PRO A 56 76.98 39.80 -1.87
CA PRO A 56 76.83 41.09 -1.22
C PRO A 56 76.73 40.98 0.29
N SER A 57 77.14 42.04 0.98
CA SER A 57 77.08 42.10 2.43
C SER A 57 75.63 41.88 2.84
N GLY A 58 75.41 41.04 3.84
CA GLY A 58 74.06 40.78 4.29
C GLY A 58 73.56 39.40 3.95
N VAL A 59 74.06 38.85 2.85
CA VAL A 59 73.68 37.51 2.42
C VAL A 59 74.46 36.47 3.22
N ALA A 60 73.76 35.46 3.73
CA ALA A 60 74.41 34.41 4.52
C ALA A 60 75.57 33.77 3.77
N ASP A 61 76.71 33.60 4.47
CA ASP A 61 77.87 33.00 3.84
C ASP A 61 77.73 31.52 3.52
N ARG A 62 76.56 30.94 3.76
CA ARG A 62 76.39 29.53 3.44
C ARG A 62 76.06 29.40 1.94
N PHE A 63 75.83 30.54 1.29
CA PHE A 63 75.54 30.61 -0.14
C PHE A 63 76.85 30.99 -0.85
N SER A 64 77.22 30.28 -1.89
CA SER A 64 78.43 30.64 -2.63
C SER A 64 78.24 30.32 -4.11
N GLY A 65 78.83 31.14 -4.97
CA GLY A 65 78.71 30.91 -6.40
C GLY A 65 80.05 30.60 -7.02
N SER A 66 80.06 29.71 -8.02
CA SER A 66 81.30 29.36 -8.69
C SER A 66 81.02 29.12 -10.17
N GLY A 67 82.07 28.89 -10.95
CA GLY A 67 81.92 28.66 -12.37
C GLY A 67 82.27 29.86 -13.24
N SER A 68 82.33 29.63 -14.54
CA SER A 68 82.64 30.68 -15.50
C SER A 68 82.30 30.18 -16.90
N GLY A 69 82.30 31.07 -17.88
CA GLY A 69 81.97 30.65 -19.24
C GLY A 69 80.51 30.28 -19.40
N THR A 70 80.23 28.98 -19.49
CA THR A 70 78.87 28.47 -19.67
C THR A 70 78.36 27.57 -18.55
N ASP A 71 79.19 27.29 -17.55
CA ASP A 71 78.80 26.37 -16.48
C ASP A 71 78.93 27.02 -15.10
N PHE A 72 77.80 27.35 -14.49
CA PHE A 72 77.79 27.99 -13.19
C PHE A 72 77.08 27.17 -12.13
N THR A 73 77.50 27.35 -10.88
CA THR A 73 76.90 26.61 -9.78
C THR A 73 76.64 27.46 -8.55
N LEU A 74 75.45 27.31 -7.97
CA LEU A 74 75.13 28.02 -6.74
C LEU A 74 75.19 26.92 -5.69
N THR A 75 75.98 27.13 -4.64
CA THR A 75 76.09 26.12 -3.60
C THR A 75 75.56 26.65 -2.28
N ILE A 76 74.79 25.82 -1.59
CA ILE A 76 74.25 26.18 -0.29
C ILE A 76 74.84 25.14 0.66
N SER A 77 75.79 25.57 1.50
CA SER A 77 76.47 24.66 2.41
C SER A 77 75.53 23.79 3.24
N ARG A 78 74.51 24.39 3.84
CA ARG A 78 73.53 23.65 4.62
C ARG A 78 72.18 24.35 4.54
N LEU A 79 71.14 23.59 4.26
CA LEU A 79 69.81 24.16 4.11
C LEU A 79 69.10 24.51 5.42
N GLU A 80 68.95 25.81 5.68
CA GLU A 80 68.21 26.26 6.86
C GLU A 80 66.75 26.24 6.41
N PRO A 81 65.81 26.28 7.35
CA PRO A 81 64.38 26.27 6.99
C PRO A 81 63.96 27.34 5.99
N GLU A 82 64.57 28.52 6.09
CA GLU A 82 64.21 29.61 5.20
C GLU A 82 64.87 29.57 3.82
N ASP A 83 65.73 28.58 3.61
CA ASP A 83 66.41 28.45 2.33
C ASP A 83 65.61 27.68 1.31
N PHE A 84 64.52 27.06 1.74
CA PHE A 84 63.69 26.33 0.81
C PHE A 84 62.85 27.37 0.08
N ALA A 85 63.21 27.60 -1.18
CA ALA A 85 62.55 28.60 -2.01
C ALA A 85 62.95 28.34 -3.45
N VAL A 86 62.74 29.34 -4.31
CA VAL A 86 63.09 29.21 -5.71
C VAL A 86 64.34 30.02 -5.99
N TYR A 87 65.20 29.51 -6.87
CA TYR A 87 66.44 30.16 -7.22
C TYR A 87 66.57 30.39 -8.73
N TYR A 88 66.86 31.62 -9.10
CA TYR A 88 67.01 31.98 -10.50
C TYR A 88 68.42 32.47 -10.78
N CYS A 89 68.97 32.08 -11.92
CA CYS A 89 70.25 32.62 -12.30
C CYS A 89 69.90 33.64 -13.39
N GLN A 90 70.80 34.59 -13.62
CA GLN A 90 70.58 35.61 -14.62
C GLN A 90 71.90 36.01 -15.22
N GLN A 91 71.93 36.20 -16.54
CA GLN A 91 73.16 36.64 -17.18
C GLN A 91 72.93 38.07 -17.69
N TYR A 92 73.91 38.93 -17.46
CA TYR A 92 73.83 40.31 -17.91
C TYR A 92 75.18 40.68 -18.52
N GLY A 93 75.77 39.70 -19.22
CA GLY A 93 77.05 39.88 -19.87
C GLY A 93 76.90 40.50 -21.25
N GLN A 94 75.68 40.91 -21.56
CA GLN A 94 75.39 41.58 -22.82
C GLN A 94 74.06 42.31 -22.63
N SER A 95 73.81 43.32 -23.45
CA SER A 95 72.61 44.14 -23.33
C SER A 95 71.30 43.39 -23.13
N LEU A 96 71.11 42.28 -23.83
CA LEU A 96 69.90 41.49 -23.65
C LEU A 96 70.11 40.54 -22.46
N SER A 97 69.61 40.94 -21.29
CA SER A 97 69.73 40.12 -20.10
C SER A 97 68.65 39.03 -20.10
N THR A 98 68.97 37.86 -19.56
CA THR A 98 68.01 36.76 -19.46
C THR A 98 68.15 36.02 -18.14
N PHE A 99 67.04 35.40 -17.72
CA PHE A 99 66.97 34.61 -16.50
C PHE A 99 66.77 33.15 -16.88
N GLY A 100 67.18 32.25 -15.99
CA GLY A 100 66.93 30.84 -16.22
C GLY A 100 65.50 30.64 -15.73
N GLN A 101 64.93 29.47 -15.96
CA GLN A 101 63.56 29.22 -15.54
C GLN A 101 63.42 28.97 -14.04
N GLY A 102 64.54 28.92 -13.33
CA GLY A 102 64.48 28.71 -11.89
C GLY A 102 64.44 27.28 -11.38
N THR A 103 65.00 27.09 -10.18
CA THR A 103 65.01 25.78 -9.55
C THR A 103 64.38 25.90 -8.18
N LYS A 104 63.36 25.09 -7.93
CA LYS A 104 62.68 25.11 -6.64
C LYS A 104 63.29 24.06 -5.70
N VAL A 105 63.81 24.52 -4.57
CA VAL A 105 64.37 23.61 -3.58
C VAL A 105 63.30 23.44 -2.51
N GLU A 106 62.73 22.24 -2.43
CA GLU A 106 61.70 21.96 -1.45
C GLU A 106 62.19 20.93 -0.45
N VAL A 107 61.43 20.80 0.64
CA VAL A 107 61.77 19.87 1.71
C VAL A 107 61.35 18.44 1.40
N LYS A 108 62.32 17.53 1.46
CA LYS A 108 62.01 16.13 1.22
C LYS A 108 61.54 15.55 2.55
N ARG A 109 60.52 14.71 2.50
CA ARG A 109 60.00 14.10 3.72
C ARG A 109 59.39 12.77 3.35
N THR A 110 59.00 11.99 4.35
CA THR A 110 58.40 10.69 4.10
C THR A 110 57.13 10.79 3.28
N VAL A 111 56.94 9.85 2.37
CA VAL A 111 55.75 9.84 1.55
C VAL A 111 54.49 9.86 2.42
N ALA A 112 53.49 10.64 1.99
CA ALA A 112 52.23 10.73 2.71
C ALA A 112 51.06 10.77 1.73
N ALA A 113 50.18 9.79 1.85
CA ALA A 113 49.02 9.70 0.97
C ALA A 113 48.04 10.80 1.38
N PRO A 114 47.29 11.32 0.41
CA PRO A 114 46.33 12.38 0.74
C PRO A 114 45.06 11.87 1.43
N SER A 115 44.49 12.69 2.30
CA SER A 115 43.23 12.36 2.94
C SER A 115 42.29 13.06 1.96
N VAL A 116 41.30 12.32 1.46
CA VAL A 116 40.36 12.86 0.48
C VAL A 116 38.98 13.10 1.06
N PHE A 117 38.40 14.25 0.69
CA PHE A 117 37.07 14.63 1.16
C PHE A 117 36.29 15.18 -0.03
N ILE A 118 35.00 14.91 -0.08
CA ILE A 118 34.16 15.43 -1.15
C ILE A 118 33.00 16.19 -0.52
N PHE A 119 32.69 17.37 -1.05
CA PHE A 119 31.60 18.17 -0.53
C PHE A 119 30.57 18.43 -1.64
N PRO A 120 29.29 18.14 -1.36
CA PRO A 120 28.24 18.37 -2.36
C PRO A 120 27.98 19.87 -2.40
N PRO A 121 27.15 20.33 -3.34
CA PRO A 121 26.90 21.78 -3.36
C PRO A 121 25.97 22.15 -2.21
N SER A 122 26.12 23.35 -1.67
CA SER A 122 25.25 23.81 -0.58
C SER A 122 23.88 24.10 -1.16
N ASP A 123 22.85 23.99 -0.33
CA ASP A 123 21.50 24.30 -0.78
C ASP A 123 21.43 25.78 -1.14
N GLU A 124 22.23 26.60 -0.45
CA GLU A 124 22.25 28.02 -0.74
C GLU A 124 22.67 28.27 -2.19
N GLN A 125 23.74 27.62 -2.62
CA GLN A 125 24.20 27.79 -4.00
C GLN A 125 23.19 27.23 -5.00
N LEU A 126 22.58 26.10 -4.67
CA LEU A 126 21.61 25.50 -5.56
C LEU A 126 20.49 26.48 -5.89
N LYS A 127 20.02 27.21 -4.88
CA LYS A 127 18.95 28.19 -5.07
C LYS A 127 19.35 29.26 -6.10
N SER A 128 20.65 29.48 -6.25
CA SER A 128 21.13 30.47 -7.20
C SER A 128 21.23 29.94 -8.63
N GLY A 129 20.99 28.64 -8.81
CA GLY A 129 21.02 28.07 -10.14
C GLY A 129 22.31 27.40 -10.60
N THR A 130 23.31 27.31 -9.72
CA THR A 130 24.59 26.69 -10.07
C THR A 130 24.96 25.63 -9.03
N ALA A 131 25.80 24.68 -9.40
CA ALA A 131 26.21 23.63 -8.47
C ALA A 131 27.71 23.37 -8.51
N SER A 132 28.37 23.64 -7.38
CA SER A 132 29.81 23.42 -7.28
C SER A 132 30.11 22.26 -6.34
N VAL A 133 30.83 21.28 -6.86
CA VAL A 133 31.20 20.11 -6.09
C VAL A 133 32.70 20.23 -5.84
N VAL A 134 33.10 20.18 -4.58
CA VAL A 134 34.51 20.32 -4.23
C VAL A 134 35.13 19.02 -3.71
N CYS A 135 36.39 18.82 -4.07
CA CYS A 135 37.14 17.65 -3.63
C CYS A 135 38.44 18.15 -3.03
N LEU A 136 38.73 17.69 -1.82
CA LEU A 136 39.94 18.11 -1.12
C LEU A 136 40.93 16.95 -0.90
N LEU A 137 42.17 17.15 -1.31
CA LEU A 137 43.22 16.14 -1.10
C LEU A 137 44.08 16.83 -0.05
N ASN A 138 44.05 16.30 1.17
CA ASN A 138 44.76 16.93 2.27
C ASN A 138 46.07 16.33 2.76
N ASN A 139 47.04 17.22 2.98
CA ASN A 139 48.35 16.88 3.52
C ASN A 139 49.07 15.67 2.91
N PHE A 140 49.42 15.76 1.63
CA PHE A 140 50.12 14.68 0.96
C PHE A 140 51.54 15.09 0.54
N TYR A 141 52.35 14.08 0.24
CA TYR A 141 53.72 14.27 -0.22
C TYR A 141 54.16 13.00 -0.94
N PRO A 142 54.87 13.12 -2.08
CA PRO A 142 55.30 14.33 -2.79
C PRO A 142 54.15 15.10 -3.42
N ARG A 143 54.47 16.23 -4.05
CA ARG A 143 53.46 17.11 -4.66
C ARG A 143 52.60 16.53 -5.77
N GLU A 144 53.17 15.62 -6.55
CA GLU A 144 52.44 15.01 -7.65
C GLU A 144 51.17 14.31 -7.19
N ALA A 145 50.04 14.73 -7.72
CA ALA A 145 48.75 14.13 -7.39
C ALA A 145 47.84 14.34 -8.57
N LYS A 146 46.84 13.48 -8.73
CA LYS A 146 45.92 13.61 -9.84
C LYS A 146 44.50 13.36 -9.39
N VAL A 147 43.60 14.18 -9.88
CA VAL A 147 42.19 14.08 -9.54
C VAL A 147 41.35 13.90 -10.80
N GLN A 148 40.41 12.97 -10.77
CA GLN A 148 39.52 12.74 -11.89
C GLN A 148 38.10 12.80 -11.37
N TRP A 149 37.27 13.57 -12.06
CA TRP A 149 35.87 13.68 -11.67
C TRP A 149 35.04 12.73 -12.51
N LYS A 150 34.18 11.97 -11.84
CA LYS A 150 33.32 11.02 -12.54
C LYS A 150 31.91 11.20 -12.02
N VAL A 151 30.99 11.42 -12.96
CA VAL A 151 29.58 11.61 -12.65
C VAL A 151 28.88 10.42 -13.30
N ASP A 152 28.27 9.57 -12.47
CA ASP A 152 27.62 8.37 -12.94
C ASP A 152 28.68 7.57 -13.71
N ASN A 153 29.90 7.66 -13.19
CA ASN A 153 31.05 6.96 -13.74
C ASN A 153 31.56 7.49 -15.09
N ALA A 154 31.01 8.61 -15.56
CA ALA A 154 31.46 9.19 -16.83
C ALA A 154 32.56 10.21 -16.54
N LEU A 155 33.74 10.02 -17.12
CA LEU A 155 34.86 10.94 -16.89
C LEU A 155 34.50 12.35 -17.34
N GLN A 156 34.77 13.32 -16.47
CA GLN A 156 34.45 14.72 -16.75
C GLN A 156 35.62 15.50 -17.33
N SER A 157 35.32 16.42 -18.25
CA SER A 157 36.38 17.23 -18.84
C SER A 157 35.89 18.65 -19.12
N GLY A 158 36.77 19.63 -18.90
CA GLY A 158 36.42 21.01 -19.16
C GLY A 158 35.50 21.69 -18.16
N ASN A 159 35.08 20.99 -17.10
CA ASN A 159 34.21 21.61 -16.13
C ASN A 159 34.77 21.62 -14.70
N SER A 160 36.09 21.51 -14.57
CA SER A 160 36.70 21.53 -13.26
C SER A 160 38.04 22.27 -13.25
N GLN A 161 38.42 22.80 -12.09
CA GLN A 161 39.68 23.51 -11.95
C GLN A 161 40.25 23.20 -10.56
N GLU A 162 41.57 23.33 -10.42
CA GLU A 162 42.21 23.02 -9.16
C GLU A 162 43.39 23.96 -8.92
N SER A 163 43.82 24.00 -7.66
CA SER A 163 44.98 24.78 -7.27
C SER A 163 45.59 24.02 -6.10
N VAL A 164 46.85 24.30 -5.82
CA VAL A 164 47.59 23.61 -4.77
C VAL A 164 48.27 24.63 -3.88
N THR A 165 48.31 24.34 -2.58
CA THR A 165 48.94 25.24 -1.63
C THR A 165 50.45 25.11 -1.73
N GLU A 166 51.17 26.05 -1.14
CA GLU A 166 52.62 26.01 -1.10
C GLU A 166 52.92 24.94 -0.04
N GLN A 167 54.13 24.41 -0.05
CA GLN A 167 54.50 23.38 0.91
C GLN A 167 54.31 23.91 2.33
N ASP A 168 53.66 23.11 3.19
CA ASP A 168 53.42 23.53 4.56
C ASP A 168 54.73 23.71 5.31
N SER A 169 54.86 24.82 6.03
CA SER A 169 56.08 25.12 6.77
C SER A 169 56.32 24.21 7.97
N LYS A 170 55.27 23.55 8.44
CA LYS A 170 55.40 22.68 9.60
C LYS A 170 55.54 21.19 9.30
N ASP A 171 54.69 20.65 8.45
CA ASP A 171 54.78 19.22 8.15
C ASP A 171 55.24 18.89 6.72
N SER A 172 55.62 19.93 5.97
CA SER A 172 56.12 19.78 4.61
C SER A 172 55.22 19.07 3.59
N THR A 173 53.92 19.12 3.80
CA THR A 173 53.01 18.48 2.87
C THR A 173 52.40 19.53 1.96
N TYR A 174 51.57 19.05 1.03
CA TYR A 174 50.88 19.89 0.08
C TYR A 174 49.41 19.52 0.19
N SER A 175 48.54 20.43 -0.24
CA SER A 175 47.12 20.16 -0.24
C SER A 175 46.58 20.66 -1.57
N LEU A 176 45.57 19.98 -2.07
CA LEU A 176 45.00 20.35 -3.35
C LEU A 176 43.49 20.43 -3.26
N SER A 177 42.92 21.39 -3.96
CA SER A 177 41.48 21.58 -3.98
C SER A 177 41.00 21.63 -5.43
N SER A 178 39.97 20.86 -5.74
CA SER A 178 39.43 20.86 -7.09
C SER A 178 37.94 21.10 -7.05
N THR A 179 37.45 21.93 -7.95
CA THR A 179 36.03 22.24 -8.01
C THR A 179 35.41 21.81 -9.32
N LEU A 180 34.29 21.11 -9.23
CA LEU A 180 33.55 20.66 -10.40
C LEU A 180 32.33 21.57 -10.40
N THR A 181 32.04 22.21 -11.53
CA THR A 181 30.90 23.12 -11.59
C THR A 181 29.92 22.76 -12.70
N LEU A 182 28.64 22.70 -12.37
CA LEU A 182 27.60 22.39 -13.35
C LEU A 182 26.42 23.30 -13.06
N SER A 183 25.52 23.44 -14.03
CA SER A 183 24.34 24.26 -13.80
C SER A 183 23.45 23.40 -12.92
N LYS A 184 22.53 24.02 -12.20
CA LYS A 184 21.64 23.27 -11.34
C LYS A 184 20.93 22.16 -12.14
N ALA A 185 20.35 22.56 -13.27
CA ALA A 185 19.64 21.62 -14.14
C ALA A 185 20.46 20.40 -14.52
N ASP A 186 21.72 20.61 -14.93
CA ASP A 186 22.57 19.47 -15.30
C ASP A 186 22.93 18.64 -14.09
N TYR A 187 23.11 19.31 -12.95
CA TYR A 187 23.45 18.64 -11.71
C TYR A 187 22.38 17.62 -11.33
N GLU A 188 21.13 17.97 -11.57
CA GLU A 188 20.00 17.11 -11.24
C GLU A 188 19.68 16.01 -12.23
N LYS A 189 20.48 15.88 -13.27
CA LYS A 189 20.26 14.84 -14.27
C LYS A 189 21.13 13.63 -13.93
N HIS A 190 22.03 13.79 -12.96
CA HIS A 190 22.94 12.72 -12.58
C HIS A 190 22.82 12.32 -11.12
N LYS A 191 23.25 11.11 -10.79
CA LYS A 191 23.13 10.61 -9.44
C LYS A 191 24.41 10.47 -8.60
N VAL A 192 25.39 9.74 -9.11
CA VAL A 192 26.64 9.53 -8.38
C VAL A 192 27.73 10.54 -8.76
N TYR A 193 28.21 11.28 -7.78
CA TYR A 193 29.27 12.27 -8.00
C TYR A 193 30.51 11.76 -7.28
N ALA A 194 31.57 11.52 -8.04
CA ALA A 194 32.78 10.98 -7.46
C ALA A 194 34.07 11.69 -7.85
N CYS A 195 35.01 11.66 -6.90
CA CYS A 195 36.33 12.26 -7.05
C CYS A 195 37.31 11.11 -6.88
N GLU A 196 38.04 10.78 -7.95
CA GLU A 196 39.01 9.69 -7.91
C GLU A 196 40.44 10.23 -7.82
N VAL A 197 41.18 9.78 -6.81
CA VAL A 197 42.53 10.27 -6.58
C VAL A 197 43.64 9.26 -6.76
N THR A 198 44.74 9.71 -7.38
CA THR A 198 45.91 8.89 -7.60
C THR A 198 47.12 9.63 -7.02
N HIS A 199 47.98 8.90 -6.33
CA HIS A 199 49.16 9.49 -5.69
C HIS A 199 50.19 8.40 -5.39
N GLN A 200 51.47 8.74 -5.49
CA GLN A 200 52.55 7.79 -5.22
C GLN A 200 52.32 7.01 -3.94
N GLY A 201 51.66 7.63 -2.96
CA GLY A 201 51.41 6.98 -1.69
C GLY A 201 50.17 6.09 -1.64
N LEU A 202 49.53 5.87 -2.78
CA LEU A 202 48.35 5.03 -2.82
C LEU A 202 48.61 3.89 -3.81
N SER A 203 48.51 2.65 -3.33
CA SER A 203 48.75 1.49 -4.19
C SER A 203 47.65 1.32 -5.24
N SER A 204 46.55 2.03 -5.05
CA SER A 204 45.44 1.98 -5.97
C SER A 204 44.59 3.23 -5.73
N PRO A 205 43.88 3.69 -6.77
CA PRO A 205 43.03 4.88 -6.70
C PRO A 205 42.07 4.91 -5.51
N VAL A 206 41.94 6.09 -4.90
CA VAL A 206 41.03 6.28 -3.79
C VAL A 206 39.84 7.07 -4.33
N THR A 207 38.63 6.57 -4.11
CA THR A 207 37.45 7.25 -4.59
C THR A 207 36.52 7.68 -3.46
N LYS A 208 36.12 8.95 -3.49
CA LYS A 208 35.17 9.48 -2.50
C LYS A 208 34.00 9.97 -3.33
N SER A 209 32.79 9.67 -2.89
CA SER A 209 31.61 10.08 -3.63
C SER A 209 30.40 10.26 -2.75
N PHE A 210 29.35 10.80 -3.35
CA PHE A 210 28.08 10.98 -2.66
C PHE A 210 27.03 10.87 -3.76
N ASN A 211 25.78 10.66 -3.36
CA ASN A 211 24.68 10.54 -4.32
C ASN A 211 23.80 11.75 -4.12
N ARG A 212 23.45 12.42 -5.21
CA ARG A 212 22.60 13.59 -5.09
C ARG A 212 21.28 13.18 -4.49
N GLY A 213 20.83 13.94 -3.49
CA GLY A 213 19.56 13.65 -2.85
C GLY A 213 19.57 12.60 -1.77
N GLU A 214 20.75 12.15 -1.35
CA GLU A 214 20.81 11.12 -0.32
C GLU A 214 21.09 11.75 1.04
N GLN B 1 70.18 54.29 2.42
CA GLN B 1 69.36 53.07 2.19
C GLN B 1 68.49 53.31 0.96
N VAL B 2 68.40 52.31 0.08
CA VAL B 2 67.61 52.43 -1.14
C VAL B 2 66.26 51.72 -1.04
N GLN B 3 65.19 52.48 -1.24
CA GLN B 3 63.85 51.92 -1.21
C GLN B 3 63.10 52.30 -2.49
N LEU B 4 62.50 51.31 -3.13
CA LEU B 4 61.74 51.53 -4.36
C LEU B 4 60.26 51.31 -4.05
N VAL B 5 59.43 52.28 -4.38
CA VAL B 5 58.00 52.18 -4.11
C VAL B 5 57.22 52.27 -5.41
N GLN B 6 56.42 51.24 -5.68
CA GLN B 6 55.64 51.18 -6.90
C GLN B 6 54.18 51.55 -6.72
N SER B 7 53.53 51.92 -7.81
CA SER B 7 52.11 52.27 -7.77
C SER B 7 51.27 51.01 -7.50
N GLY B 8 50.02 51.21 -7.08
CA GLY B 8 49.15 50.10 -6.74
C GLY B 8 48.65 49.22 -7.88
N ALA B 9 48.14 48.04 -7.50
CA ALA B 9 47.61 47.08 -8.45
C ALA B 9 46.59 47.75 -9.36
N GLU B 10 46.46 47.25 -10.59
CA GLU B 10 45.51 47.85 -11.51
C GLU B 10 44.92 46.88 -12.52
N VAL B 11 43.63 47.04 -12.79
CA VAL B 11 42.93 46.22 -13.76
C VAL B 11 42.95 46.99 -15.09
N LYS B 12 43.36 46.32 -16.17
CA LYS B 12 43.41 46.96 -17.49
C LYS B 12 42.67 46.13 -18.53
N ARG B 13 41.89 46.80 -19.36
CA ARG B 13 41.13 46.14 -20.41
C ARG B 13 42.06 45.70 -21.53
N PRO B 14 41.71 44.61 -22.20
CA PRO B 14 42.57 44.15 -23.30
C PRO B 14 42.74 45.27 -24.35
N GLY B 15 43.93 45.39 -24.91
CA GLY B 15 44.17 46.41 -25.92
C GLY B 15 44.61 47.75 -25.37
N SER B 16 44.37 47.98 -24.09
CA SER B 16 44.77 49.24 -23.48
C SER B 16 46.26 49.24 -23.17
N SER B 17 46.73 50.34 -22.59
CA SER B 17 48.12 50.49 -22.20
C SER B 17 48.14 50.74 -20.71
N VAL B 18 49.16 50.24 -20.04
CA VAL B 18 49.28 50.44 -18.61
C VAL B 18 50.55 51.21 -18.31
N THR B 19 50.52 51.98 -17.23
CA THR B 19 51.67 52.75 -16.78
C THR B 19 51.92 52.39 -15.33
N VAL B 20 53.13 51.95 -15.01
CA VAL B 20 53.48 51.59 -13.64
C VAL B 20 54.62 52.49 -13.24
N SER B 21 54.54 53.07 -12.04
CA SER B 21 55.58 53.96 -11.57
C SER B 21 56.41 53.32 -10.46
N CYS B 22 57.61 53.84 -10.27
CA CYS B 22 58.53 53.34 -9.26
C CYS B 22 59.29 54.54 -8.72
N LYS B 23 58.97 54.96 -7.51
CA LYS B 23 59.62 56.10 -6.89
C LYS B 23 60.77 55.66 -6.00
N ALA B 24 61.95 56.18 -6.28
CA ALA B 24 63.14 55.82 -5.51
C ALA B 24 63.58 56.92 -4.54
N SER B 25 64.19 56.50 -3.45
CA SER B 25 64.72 57.41 -2.45
C SER B 25 65.98 56.74 -1.90
N GLY B 26 67.03 57.53 -1.72
CA GLY B 26 68.28 56.99 -1.23
C GLY B 26 69.22 56.71 -2.39
N GLY B 27 70.52 56.67 -2.11
CA GLY B 27 71.48 56.42 -3.17
C GLY B 27 71.38 57.49 -4.25
N SER B 28 71.57 57.10 -5.50
CA SER B 28 71.48 58.05 -6.60
C SER B 28 70.57 57.55 -7.71
N PHE B 29 69.48 58.27 -7.93
CA PHE B 29 68.52 57.90 -8.96
C PHE B 29 69.08 58.00 -10.38
N SER B 30 69.76 59.11 -10.65
CA SER B 30 70.30 59.37 -11.99
C SER B 30 71.43 58.52 -12.52
N THR B 31 72.34 58.09 -11.65
CA THR B 31 73.51 57.33 -12.13
C THR B 31 73.52 55.80 -12.04
N TYR B 32 72.39 55.19 -11.65
CA TYR B 32 72.33 53.73 -11.56
C TYR B 32 71.23 53.22 -12.48
N ALA B 33 71.48 52.08 -13.12
CA ALA B 33 70.54 51.48 -14.06
C ALA B 33 69.28 50.94 -13.37
N LEU B 34 68.12 51.26 -13.94
CA LEU B 34 66.86 50.81 -13.38
C LEU B 34 66.15 49.92 -14.39
N SER B 35 65.86 48.69 -14.00
CA SER B 35 65.21 47.74 -14.89
C SER B 35 63.82 47.36 -14.43
N TRP B 36 63.09 46.74 -15.34
CA TRP B 36 61.76 46.26 -15.04
C TRP B 36 61.75 44.78 -15.34
N VAL B 37 61.21 44.01 -14.40
CA VAL B 37 61.13 42.57 -14.52
C VAL B 37 59.72 42.15 -14.16
N ARG B 38 59.14 41.25 -14.95
CA ARG B 38 57.81 40.80 -14.65
C ARG B 38 57.74 39.30 -14.40
N GLN B 39 56.65 38.88 -13.80
CA GLN B 39 56.47 37.48 -13.48
C GLN B 39 55.00 37.16 -13.56
N ALA B 40 54.63 36.39 -14.57
CA ALA B 40 53.24 35.97 -14.72
C ALA B 40 52.98 34.94 -13.64
N PRO B 41 51.70 34.73 -13.27
CA PRO B 41 51.32 33.77 -12.24
C PRO B 41 51.94 32.39 -12.44
N GLY B 42 52.59 31.89 -11.39
CA GLY B 42 53.22 30.59 -11.46
C GLY B 42 54.37 30.45 -12.43
N ARG B 43 54.84 31.56 -12.99
CA ARG B 43 55.94 31.52 -13.94
C ARG B 43 57.22 32.18 -13.40
N GLY B 44 58.29 32.11 -14.20
CA GLY B 44 59.55 32.68 -13.80
C GLY B 44 59.70 34.16 -14.04
N LEU B 45 60.87 34.69 -13.73
CA LEU B 45 61.16 36.11 -13.91
C LEU B 45 61.55 36.39 -15.35
N GLU B 46 61.20 37.57 -15.85
CA GLU B 46 61.57 37.94 -17.20
C GLU B 46 61.97 39.41 -17.25
N TRP B 47 63.20 39.64 -17.68
CA TRP B 47 63.72 41.00 -17.79
C TRP B 47 63.03 41.64 -19.00
N MET B 48 62.43 42.81 -18.80
CA MET B 48 61.74 43.48 -19.89
C MET B 48 62.64 44.53 -20.52
N GLY B 49 63.36 45.25 -19.68
CA GLY B 49 64.26 46.28 -20.15
C GLY B 49 64.67 47.18 -19.01
N GLY B 50 65.44 48.23 -19.33
CA GLY B 50 65.88 49.14 -18.30
C GLY B 50 66.22 50.52 -18.83
N VAL B 51 66.56 51.42 -17.92
CA VAL B 51 66.93 52.76 -18.29
C VAL B 51 67.98 53.35 -17.35
N ILE B 52 68.89 54.13 -17.92
CA ILE B 52 69.93 54.84 -17.17
C ILE B 52 69.46 56.28 -17.37
N PRO B 53 68.87 56.90 -16.35
CA PRO B 53 68.35 58.27 -16.39
C PRO B 53 69.26 59.38 -16.90
N LEU B 54 70.45 59.51 -16.32
CA LEU B 54 71.37 60.58 -16.69
C LEU B 54 71.45 60.90 -18.17
N LEU B 55 71.46 59.88 -19.03
CA LEU B 55 71.54 60.16 -20.46
C LEU B 55 70.38 59.57 -21.23
N THR B 56 69.31 59.23 -20.51
CA THR B 56 68.12 58.64 -21.10
C THR B 56 68.45 57.43 -21.97
N ILE B 57 69.38 56.60 -21.52
CA ILE B 57 69.78 55.41 -22.28
C ILE B 57 68.86 54.24 -21.96
N THR B 58 67.98 53.90 -22.89
CA THR B 58 67.07 52.79 -22.71
C THR B 58 67.65 51.55 -23.36
N ASN B 59 67.17 50.39 -22.93
CA ASN B 59 67.63 49.10 -23.44
C ASN B 59 66.45 48.15 -23.25
N TYR B 60 65.80 47.76 -24.34
CA TYR B 60 64.65 46.87 -24.24
C TYR B 60 64.90 45.46 -24.75
N ALA B 61 64.21 44.50 -24.14
CA ALA B 61 64.34 43.11 -24.57
C ALA B 61 63.61 43.05 -25.92
N PRO B 62 64.17 42.32 -26.90
CA PRO B 62 63.54 42.21 -28.22
C PRO B 62 62.06 41.86 -28.12
N ARG B 63 61.74 40.94 -27.22
CA ARG B 63 60.37 40.49 -27.04
C ARG B 63 59.39 41.62 -26.72
N PHE B 64 59.89 42.73 -26.20
CA PHE B 64 59.02 43.85 -25.85
C PHE B 64 59.29 45.11 -26.69
N GLN B 65 60.28 45.03 -27.58
CA GLN B 65 60.62 46.15 -28.44
C GLN B 65 59.43 46.42 -29.38
N GLY B 66 58.80 47.58 -29.22
CA GLY B 66 57.67 47.93 -30.04
C GLY B 66 56.40 48.07 -29.21
N ARG B 67 56.44 47.58 -27.96
CA ARG B 67 55.29 47.65 -27.07
C ARG B 67 55.63 48.33 -25.76
N ILE B 68 56.90 48.61 -25.54
CA ILE B 68 57.35 49.16 -24.28
C ILE B 68 58.08 50.50 -24.35
N THR B 69 57.89 51.30 -23.31
CA THR B 69 58.56 52.58 -23.18
C THR B 69 58.94 52.70 -21.72
N ILE B 70 60.19 52.99 -21.44
CA ILE B 70 60.65 53.16 -20.08
C ILE B 70 61.18 54.57 -19.97
N THR B 71 60.67 55.33 -19.01
CA THR B 71 61.11 56.71 -18.83
C THR B 71 61.49 56.98 -17.39
N ALA B 72 62.32 58.00 -17.19
CA ALA B 72 62.77 58.37 -15.85
C ALA B 72 62.63 59.87 -15.63
N ASP B 73 61.98 60.23 -14.52
CA ASP B 73 61.76 61.63 -14.18
C ASP B 73 62.73 61.99 -13.04
N ARG B 74 63.85 62.60 -13.39
CA ARG B 74 64.86 62.97 -12.41
C ARG B 74 64.42 63.98 -11.35
N SER B 75 63.38 64.76 -11.63
CA SER B 75 62.94 65.73 -10.62
C SER B 75 62.19 65.05 -9.48
N THR B 76 61.67 63.84 -9.71
CA THR B 76 60.95 63.13 -8.66
C THR B 76 61.56 61.78 -8.35
N SER B 77 62.65 61.44 -9.01
CA SER B 77 63.30 60.15 -8.79
C SER B 77 62.28 59.06 -9.05
N THR B 78 61.53 59.22 -10.13
CA THR B 78 60.51 58.24 -10.50
C THR B 78 60.80 57.68 -11.88
N ALA B 79 60.70 56.36 -12.00
CA ALA B 79 60.90 55.69 -13.27
C ALA B 79 59.54 55.15 -13.67
N TYR B 80 59.27 55.04 -14.97
CA TYR B 80 57.98 54.56 -15.45
C TYR B 80 58.12 53.45 -16.49
N LEU B 81 57.19 52.50 -16.44
CA LEU B 81 57.15 51.43 -17.42
C LEU B 81 55.79 51.54 -18.10
N GLU B 82 55.80 51.60 -19.42
CA GLU B 82 54.55 51.66 -20.16
C GLU B 82 54.51 50.44 -21.07
N LEU B 83 53.41 49.70 -21.03
CA LEU B 83 53.27 48.51 -21.86
C LEU B 83 51.95 48.68 -22.63
N ASN B 84 52.03 48.67 -23.96
CA ASN B 84 50.87 48.84 -24.83
C ASN B 84 50.24 47.54 -25.33
N SER B 85 49.09 47.69 -25.99
CA SER B 85 48.39 46.58 -26.60
C SER B 85 48.33 45.35 -25.69
N LEU B 86 47.85 45.56 -24.47
CA LEU B 86 47.74 44.49 -23.47
C LEU B 86 46.87 43.30 -23.85
N ARG B 87 47.39 42.12 -23.54
CA ARG B 87 46.69 40.86 -23.77
C ARG B 87 46.66 40.14 -22.41
N PRO B 88 45.70 39.22 -22.23
CA PRO B 88 45.59 38.48 -20.96
C PRO B 88 46.92 37.90 -20.48
N GLU B 89 47.80 37.54 -21.41
CA GLU B 89 49.09 36.97 -21.06
C GLU B 89 50.03 37.99 -20.43
N ASP B 90 49.63 39.27 -20.45
CA ASP B 90 50.45 40.31 -19.84
C ASP B 90 50.08 40.44 -18.36
N THR B 91 49.09 39.66 -17.93
CA THR B 91 48.69 39.67 -16.53
C THR B 91 49.89 39.16 -15.75
N ALA B 92 50.40 39.98 -14.84
CA ALA B 92 51.56 39.60 -14.08
C ALA B 92 51.92 40.65 -13.05
N VAL B 93 52.88 40.32 -12.20
CA VAL B 93 53.40 41.26 -11.22
C VAL B 93 54.59 41.90 -11.91
N TYR B 94 54.63 43.23 -11.92
CA TYR B 94 55.74 43.94 -12.55
C TYR B 94 56.59 44.59 -11.46
N TYR B 95 57.89 44.31 -11.49
CA TYR B 95 58.84 44.87 -10.52
C TYR B 95 59.86 45.79 -11.16
N CYS B 96 60.23 46.84 -10.45
CA CYS B 96 61.30 47.70 -10.91
C CYS B 96 62.45 47.21 -10.04
N ALA B 97 63.68 47.38 -10.50
CA ALA B 97 64.82 46.93 -9.72
C ALA B 97 66.04 47.73 -10.10
N ARG B 98 66.71 48.26 -9.09
CA ARG B 98 67.91 49.03 -9.34
C ARG B 98 69.15 48.21 -9.05
N GLU B 99 70.16 48.46 -9.86
CA GLU B 99 71.49 47.86 -9.79
C GLU B 99 72.01 48.03 -8.36
N GLY B 100 72.82 47.08 -7.88
CA GLY B 100 73.38 47.22 -6.55
C GLY B 100 74.70 47.94 -6.60
N THR B 101 75.36 48.09 -5.45
CA THR B 101 76.66 48.76 -5.39
C THR B 101 77.59 48.01 -4.42
N THR B 102 78.89 48.27 -4.53
CA THR B 102 79.86 47.61 -3.67
C THR B 102 80.24 48.52 -2.50
N GLY B 103 80.77 47.92 -1.43
CA GLY B 103 81.19 48.69 -0.27
C GLY B 103 80.08 49.28 0.59
N TRP B 104 80.45 49.98 1.65
CA TRP B 104 79.49 50.58 2.56
C TRP B 104 78.71 51.68 1.84
N GLY B 105 77.56 52.05 2.40
CA GLY B 105 76.74 53.09 1.81
C GLY B 105 76.01 52.58 0.58
N TRP B 106 75.51 53.50 -0.23
CA TRP B 106 74.78 53.13 -1.45
C TRP B 106 75.21 53.99 -2.63
N LEU B 107 76.49 54.37 -2.65
CA LEU B 107 77.04 55.18 -3.73
C LEU B 107 78.36 54.59 -4.21
N GLY B 108 78.54 53.30 -3.98
CA GLY B 108 79.76 52.64 -4.42
C GLY B 108 79.68 52.25 -5.88
N LYS B 109 80.60 51.40 -6.33
CA LYS B 109 80.63 50.95 -7.71
C LYS B 109 79.44 50.07 -8.06
N PRO B 110 78.73 50.38 -9.16
CA PRO B 110 77.57 49.60 -9.60
C PRO B 110 77.95 48.18 -9.96
N ILE B 111 77.09 47.22 -9.63
CA ILE B 111 77.37 45.82 -9.90
C ILE B 111 76.51 45.20 -11.02
N GLY B 112 75.65 45.99 -11.64
CA GLY B 112 74.82 45.45 -12.71
C GLY B 112 73.66 44.61 -12.21
N ALA B 113 73.97 43.60 -11.40
CA ALA B 113 72.94 42.73 -10.82
C ALA B 113 71.93 43.56 -10.01
N PHE B 114 70.70 43.06 -9.91
CA PHE B 114 69.62 43.75 -9.22
C PHE B 114 69.56 43.54 -7.71
N ALA B 115 70.05 44.52 -6.95
CA ALA B 115 70.08 44.43 -5.50
C ALA B 115 68.86 45.04 -4.83
N HIS B 116 68.26 46.04 -5.47
CA HIS B 116 67.11 46.73 -4.90
C HIS B 116 65.85 46.51 -5.73
N TRP B 117 64.83 45.98 -5.07
CA TRP B 117 63.57 45.68 -5.73
C TRP B 117 62.39 46.40 -5.12
N GLY B 118 61.41 46.75 -5.95
CA GLY B 118 60.21 47.40 -5.45
C GLY B 118 59.32 46.29 -4.94
N GLN B 119 58.15 46.63 -4.39
CA GLN B 119 57.26 45.60 -3.86
C GLN B 119 56.48 44.88 -4.98
N GLY B 120 56.62 45.36 -6.21
CA GLY B 120 55.90 44.75 -7.31
C GLY B 120 54.52 45.37 -7.51
N THR B 121 53.97 45.24 -8.71
CA THR B 121 52.66 45.78 -9.02
C THR B 121 51.89 44.76 -9.83
N LEU B 122 50.78 44.27 -9.30
CA LEU B 122 50.00 43.29 -10.03
C LEU B 122 49.14 43.98 -11.08
N VAL B 123 49.36 43.63 -12.35
CA VAL B 123 48.56 44.21 -13.41
C VAL B 123 47.69 43.09 -13.94
N THR B 124 46.39 43.29 -13.86
CA THR B 124 45.43 42.29 -14.33
C THR B 124 44.74 42.78 -15.61
N VAL B 125 44.97 42.05 -16.70
CA VAL B 125 44.38 42.40 -17.99
C VAL B 125 43.10 41.59 -18.15
N SER B 126 41.96 42.27 -18.10
CA SER B 126 40.70 41.57 -18.20
C SER B 126 39.57 42.51 -18.58
N SER B 127 38.47 41.94 -19.05
CA SER B 127 37.31 42.73 -19.43
C SER B 127 36.26 42.65 -18.31
N ALA B 128 36.56 41.90 -17.26
CA ALA B 128 35.63 41.74 -16.14
C ALA B 128 35.41 43.01 -15.33
N SER B 129 34.24 43.10 -14.74
CA SER B 129 33.89 44.24 -13.89
C SER B 129 33.94 43.79 -12.45
N THR B 130 34.20 44.71 -11.54
CA THR B 130 34.27 44.41 -10.12
C THR B 130 33.01 43.65 -9.68
N LYS B 131 33.21 42.64 -8.85
CA LYS B 131 32.08 41.84 -8.38
C LYS B 131 32.42 41.14 -7.08
N GLY B 132 31.46 41.15 -6.16
CA GLY B 132 31.64 40.50 -4.87
C GLY B 132 31.32 39.03 -4.99
N PRO B 133 32.01 38.20 -4.21
CA PRO B 133 31.79 36.75 -4.23
C PRO B 133 30.62 36.30 -3.38
N SER B 134 30.13 35.11 -3.65
CA SER B 134 29.10 34.52 -2.80
C SER B 134 29.98 33.61 -1.94
N VAL B 135 29.61 33.41 -0.68
CA VAL B 135 30.40 32.55 0.18
C VAL B 135 29.51 31.38 0.58
N PHE B 136 29.87 30.19 0.10
CA PHE B 136 29.10 29.00 0.39
C PHE B 136 29.86 28.09 1.33
N PRO B 137 29.12 27.33 2.16
CA PRO B 137 29.71 26.41 3.13
C PRO B 137 30.10 25.07 2.53
N LEU B 138 31.18 24.51 3.06
CA LEU B 138 31.65 23.18 2.68
C LEU B 138 31.45 22.46 4.01
N ALA B 139 30.21 22.01 4.23
CA ALA B 139 29.79 21.35 5.46
C ALA B 139 30.55 20.09 5.81
N PRO B 140 30.82 19.88 7.11
CA PRO B 140 31.55 18.68 7.54
C PRO B 140 30.72 17.43 7.24
N SER B 141 31.34 16.44 6.61
CA SER B 141 30.66 15.20 6.25
C SER B 141 30.05 14.50 7.46
N SER B 142 28.75 14.22 7.38
CA SER B 142 28.04 13.55 8.47
C SER B 142 28.53 12.11 8.62
N LYS B 143 29.16 11.60 7.56
CA LYS B 143 29.70 10.25 7.57
C LYS B 143 31.12 10.24 8.12
N SER B 144 31.30 10.83 9.30
CA SER B 144 32.60 10.90 9.96
C SER B 144 32.39 11.20 11.44
N THR B 145 31.18 11.62 11.77
CA THR B 145 30.75 11.98 13.13
C THR B 145 31.64 11.53 14.30
N SER B 146 31.48 10.27 14.72
CA SER B 146 32.27 9.76 15.84
C SER B 146 33.72 9.40 15.52
N GLY B 147 34.62 9.97 16.32
CA GLY B 147 36.04 9.70 16.13
C GLY B 147 36.59 10.08 14.78
N GLY B 148 37.89 10.35 14.73
CA GLY B 148 38.52 10.70 13.47
C GLY B 148 38.67 12.19 13.19
N THR B 149 39.05 12.48 11.95
CA THR B 149 39.25 13.85 11.49
C THR B 149 38.17 14.23 10.52
N ALA B 150 37.61 15.43 10.71
CA ALA B 150 36.57 15.92 9.83
C ALA B 150 37.10 17.14 9.08
N ALA B 151 36.61 17.35 7.86
CA ALA B 151 37.04 18.50 7.07
C ALA B 151 35.84 19.36 6.73
N LEU B 152 36.04 20.66 6.77
CA LEU B 152 35.01 21.62 6.44
C LEU B 152 35.70 22.84 5.86
N GLY B 153 34.95 23.74 5.25
CA GLY B 153 35.54 24.94 4.68
C GLY B 153 34.50 25.86 4.08
N CYS B 154 34.96 26.83 3.29
CA CYS B 154 34.10 27.80 2.63
C CYS B 154 34.51 27.94 1.16
N LEU B 155 33.51 28.09 0.29
CA LEU B 155 33.75 28.27 -1.15
C LEU B 155 33.41 29.73 -1.46
N VAL B 156 34.44 30.50 -1.83
CA VAL B 156 34.30 31.92 -2.16
C VAL B 156 34.33 32.04 -3.68
N LYS B 157 33.17 32.02 -4.33
CA LYS B 157 33.18 32.08 -5.78
C LYS B 157 32.60 33.29 -6.48
N ASP B 158 33.08 33.49 -7.71
CA ASP B 158 32.67 34.57 -8.59
C ASP B 158 32.95 35.98 -8.10
N TYR B 159 34.23 36.31 -7.97
CA TYR B 159 34.58 37.64 -7.54
C TYR B 159 35.64 38.20 -8.48
N PHE B 160 35.77 39.52 -8.49
CA PHE B 160 36.73 40.19 -9.33
C PHE B 160 36.89 41.60 -8.79
N PRO B 161 38.14 42.09 -8.68
CA PRO B 161 39.35 41.35 -9.05
C PRO B 161 39.98 40.72 -7.79
N GLU B 162 41.22 40.26 -7.90
CA GLU B 162 41.95 39.72 -6.76
C GLU B 162 42.27 40.99 -5.95
N PRO B 163 42.53 40.85 -4.64
CA PRO B 163 42.55 39.61 -3.88
C PRO B 163 41.39 39.50 -2.91
N VAL B 164 41.27 38.31 -2.32
CA VAL B 164 40.27 38.02 -1.33
C VAL B 164 41.10 37.47 -0.17
N THR B 165 40.73 37.80 1.07
CA THR B 165 41.45 37.25 2.22
C THR B 165 40.43 36.43 3.00
N VAL B 166 40.90 35.40 3.69
CA VAL B 166 40.03 34.53 4.47
C VAL B 166 40.73 34.19 5.77
N SER B 167 39.98 34.26 6.88
CA SER B 167 40.51 33.90 8.17
C SER B 167 39.43 33.02 8.80
N TRP B 168 39.78 32.29 9.85
CA TRP B 168 38.80 31.44 10.52
C TRP B 168 38.64 31.85 11.98
N ASN B 169 37.39 31.98 12.39
CA ASN B 169 37.06 32.39 13.75
C ASN B 169 37.89 33.61 14.11
N SER B 170 37.88 34.58 13.20
CA SER B 170 38.60 35.83 13.39
C SER B 170 40.07 35.64 13.72
N GLY B 171 40.70 34.62 13.14
CA GLY B 171 42.12 34.40 13.36
C GLY B 171 42.50 33.52 14.53
N ALA B 172 41.52 33.10 15.32
CA ALA B 172 41.77 32.21 16.44
C ALA B 172 42.08 30.79 15.96
N LEU B 173 41.61 30.46 14.77
CA LEU B 173 41.83 29.13 14.22
C LEU B 173 42.76 29.17 13.01
N THR B 174 43.96 28.64 13.17
CA THR B 174 44.93 28.60 12.09
C THR B 174 45.46 27.19 11.84
N SER B 175 45.56 26.39 12.90
CA SER B 175 46.06 25.01 12.74
C SER B 175 45.17 24.21 11.82
N GLY B 176 45.77 23.56 10.82
CA GLY B 176 45.01 22.73 9.90
C GLY B 176 44.26 23.52 8.83
N VAL B 177 44.50 24.81 8.74
CA VAL B 177 43.82 25.63 7.74
C VAL B 177 44.57 25.69 6.41
N HIS B 178 43.84 25.52 5.32
CA HIS B 178 44.42 25.60 3.99
C HIS B 178 43.55 26.50 3.12
N THR B 179 44.09 27.64 2.74
CA THR B 179 43.39 28.58 1.89
C THR B 179 44.12 28.50 0.56
N PHE B 180 43.45 27.92 -0.43
CA PHE B 180 44.01 27.69 -1.74
C PHE B 180 44.09 28.89 -2.68
N PRO B 181 45.02 28.86 -3.64
CA PRO B 181 45.13 29.97 -4.59
C PRO B 181 43.83 29.96 -5.38
N ALA B 182 43.35 31.13 -5.79
CA ALA B 182 42.13 31.20 -6.55
C ALA B 182 42.35 30.67 -7.95
N VAL B 183 41.26 30.28 -8.63
CA VAL B 183 41.36 29.84 -10.01
C VAL B 183 40.52 30.84 -10.78
N LEU B 184 40.88 31.04 -12.05
CA LEU B 184 40.16 31.97 -12.91
C LEU B 184 39.23 31.13 -13.77
N GLN B 185 37.92 31.29 -13.56
CA GLN B 185 36.92 30.53 -14.30
C GLN B 185 36.71 31.05 -15.72
N SER B 186 36.02 30.27 -16.55
CA SER B 186 35.76 30.65 -17.93
C SER B 186 35.00 31.96 -18.05
N SER B 187 34.26 32.33 -17.02
CA SER B 187 33.49 33.56 -17.04
C SER B 187 34.40 34.78 -16.82
N GLY B 188 35.64 34.53 -16.39
CA GLY B 188 36.57 35.63 -16.12
C GLY B 188 36.53 36.08 -14.67
N LEU B 189 35.74 35.38 -13.85
CA LEU B 189 35.64 35.72 -12.44
C LEU B 189 36.47 34.69 -11.66
N TYR B 190 36.95 35.09 -10.49
CA TYR B 190 37.76 34.19 -9.66
C TYR B 190 36.93 33.37 -8.69
N SER B 191 37.57 32.35 -8.15
CA SER B 191 36.95 31.48 -7.17
C SER B 191 38.02 30.81 -6.33
N LEU B 192 37.82 30.79 -5.02
CA LEU B 192 38.78 30.14 -4.15
C LEU B 192 38.09 29.38 -3.03
N SER B 193 38.81 28.44 -2.44
CA SER B 193 38.26 27.68 -1.34
C SER B 193 39.23 27.75 -0.17
N SER B 194 38.68 27.63 1.03
CA SER B 194 39.47 27.64 2.25
C SER B 194 38.88 26.49 3.05
N VAL B 195 39.75 25.63 3.58
CA VAL B 195 39.29 24.48 4.34
C VAL B 195 40.11 24.31 5.59
N VAL B 196 39.62 23.46 6.49
CA VAL B 196 40.31 23.16 7.73
C VAL B 196 39.88 21.79 8.19
N THR B 197 40.83 21.02 8.72
CA THR B 197 40.48 19.70 9.22
C THR B 197 40.50 19.84 10.75
N VAL B 198 39.58 19.17 11.41
CA VAL B 198 39.46 19.24 12.86
C VAL B 198 38.96 17.92 13.43
N PRO B 199 39.17 17.70 14.73
CA PRO B 199 38.69 16.45 15.34
C PRO B 199 37.19 16.40 15.17
N SER B 200 36.68 15.25 14.74
CA SER B 200 35.24 15.10 14.55
C SER B 200 34.46 15.44 15.82
N SER B 201 35.06 15.15 16.97
CA SER B 201 34.41 15.43 18.24
C SER B 201 34.26 16.94 18.51
N SER B 202 35.03 17.75 17.82
CA SER B 202 34.97 19.20 18.02
C SER B 202 33.78 19.82 17.29
N LEU B 203 33.09 19.04 16.47
CA LEU B 203 31.94 19.58 15.74
C LEU B 203 30.78 19.87 16.67
N GLY B 204 30.93 19.53 17.95
CA GLY B 204 29.88 19.77 18.92
C GLY B 204 30.33 20.63 20.07
N THR B 205 31.62 20.96 20.11
CA THR B 205 32.15 21.79 21.17
C THR B 205 32.86 23.01 20.59
N GLN B 206 32.57 23.33 19.33
CA GLN B 206 33.22 24.48 18.68
C GLN B 206 32.47 24.91 17.42
N THR B 207 32.36 26.21 17.22
CA THR B 207 31.70 26.74 16.04
C THR B 207 32.80 27.12 15.05
N TYR B 208 32.50 27.07 13.76
CA TYR B 208 33.47 27.41 12.73
C TYR B 208 32.89 28.47 11.80
N ILE B 209 33.59 29.60 11.73
CA ILE B 209 33.16 30.72 10.93
C ILE B 209 34.29 31.22 10.06
N CYS B 210 34.07 31.24 8.74
CA CYS B 210 35.10 31.76 7.88
C CYS B 210 34.80 33.25 7.66
N ASN B 211 35.83 34.07 7.83
CA ASN B 211 35.71 35.51 7.66
C ASN B 211 36.30 35.87 6.32
N VAL B 212 35.43 36.24 5.38
CA VAL B 212 35.84 36.58 4.03
C VAL B 212 35.80 38.08 3.78
N ASN B 213 36.88 38.59 3.20
CA ASN B 213 37.01 40.01 2.92
C ASN B 213 37.44 40.28 1.47
N HIS B 214 36.60 40.99 0.74
CA HIS B 214 36.90 41.36 -0.64
C HIS B 214 36.71 42.87 -0.67
N LYS B 215 37.80 43.60 -0.44
CA LYS B 215 37.75 45.06 -0.38
C LYS B 215 37.16 45.80 -1.58
N PRO B 216 37.51 45.40 -2.82
CA PRO B 216 37.01 46.07 -4.01
C PRO B 216 35.50 46.16 -4.12
N SER B 217 34.81 45.11 -3.70
CA SER B 217 33.37 45.09 -3.76
C SER B 217 32.78 45.36 -2.38
N ASN B 218 33.65 45.59 -1.40
CA ASN B 218 33.25 45.80 -0.01
C ASN B 218 32.39 44.65 0.46
N THR B 219 32.82 43.43 0.14
CA THR B 219 32.10 42.23 0.56
C THR B 219 32.82 41.72 1.81
N LYS B 220 32.11 41.68 2.93
CA LYS B 220 32.69 41.19 4.18
C LYS B 220 31.70 40.26 4.82
N VAL B 221 31.93 38.97 4.62
CA VAL B 221 31.04 37.95 5.11
C VAL B 221 31.69 37.06 6.18
N ASP B 222 30.91 36.73 7.19
CA ASP B 222 31.36 35.86 8.26
C ASP B 222 30.38 34.71 8.16
N LYS B 223 30.80 33.66 7.47
CA LYS B 223 29.93 32.51 7.24
C LYS B 223 30.14 31.37 8.23
N LYS B 224 29.07 31.02 8.95
CA LYS B 224 29.15 29.94 9.91
C LYS B 224 28.98 28.64 9.14
N VAL B 225 29.87 27.69 9.38
CA VAL B 225 29.81 26.40 8.71
C VAL B 225 29.47 25.30 9.70
N GLU B 226 28.36 24.61 9.48
CA GLU B 226 27.95 23.55 10.39
C GLU B 226 27.43 22.32 9.67
N PRO B 227 27.25 21.21 10.40
CA PRO B 227 26.76 20.00 9.76
C PRO B 227 25.39 20.26 9.16
N LYS B 228 25.14 19.74 7.97
CA LYS B 228 23.85 19.92 7.34
C LYS B 228 22.94 18.79 7.83
N SER B 229 21.73 19.15 8.26
CA SER B 229 20.80 18.15 8.74
C SER B 229 19.70 17.91 7.70
N CYS B 230 19.43 16.65 7.39
CA CYS B 230 18.39 16.33 6.42
C CYS B 230 17.50 15.19 6.92
N ASP B 231 16.22 15.25 6.55
CA ASP B 231 15.23 14.27 6.95
C ASP B 231 15.16 13.10 5.96
N LYS B 232 14.89 11.91 6.48
CA LYS B 232 14.80 10.67 5.71
C LYS B 232 16.17 10.07 5.45
N GLU C 1 -56.12 -38.98 32.78
CA GLU C 1 -55.19 -39.51 31.75
C GLU C 1 -53.89 -38.72 31.74
N ILE C 2 -52.79 -39.41 31.47
CA ILE C 2 -51.48 -38.78 31.42
C ILE C 2 -51.40 -37.80 30.26
N VAL C 3 -51.11 -36.54 30.57
CA VAL C 3 -50.98 -35.51 29.56
C VAL C 3 -49.53 -35.38 29.12
N LEU C 4 -49.29 -35.43 27.81
CA LEU C 4 -47.93 -35.30 27.29
C LEU C 4 -47.79 -33.93 26.63
N THR C 5 -46.78 -33.18 27.06
CA THR C 5 -46.56 -31.85 26.50
C THR C 5 -45.31 -31.78 25.64
N GLN C 6 -45.49 -31.33 24.40
CA GLN C 6 -44.40 -31.18 23.46
C GLN C 6 -44.19 -29.71 23.12
N SER C 7 -43.11 -29.15 23.65
CA SER C 7 -42.78 -27.74 23.42
C SER C 7 -41.31 -27.58 23.05
N PRO C 8 -41.01 -26.66 22.12
CA PRO C 8 -41.95 -25.80 21.41
C PRO C 8 -42.86 -26.57 20.44
N GLY C 9 -43.97 -25.95 20.08
CA GLY C 9 -44.90 -26.58 19.15
C GLY C 9 -44.29 -26.69 17.77
N THR C 10 -43.31 -25.83 17.50
CA THR C 10 -42.61 -25.83 16.22
C THR C 10 -41.17 -25.38 16.41
N GLN C 11 -40.28 -25.95 15.61
CA GLN C 11 -38.87 -25.59 15.66
C GLN C 11 -38.40 -25.32 14.25
N SER C 12 -37.67 -24.23 14.08
CA SER C 12 -37.14 -23.84 12.77
C SER C 12 -35.65 -24.07 12.79
N LEU C 13 -35.22 -25.21 12.24
CA LEU C 13 -33.82 -25.56 12.21
C LEU C 13 -33.26 -25.63 10.80
N SER C 14 -31.94 -25.53 10.69
CA SER C 14 -31.25 -25.58 9.40
C SER C 14 -30.81 -27.01 9.11
N PRO C 15 -30.83 -27.40 7.83
CA PRO C 15 -30.41 -28.77 7.49
C PRO C 15 -29.02 -29.07 8.01
N GLY C 16 -28.77 -30.33 8.36
CA GLY C 16 -27.46 -30.71 8.87
C GLY C 16 -27.28 -30.35 10.34
N GLU C 17 -28.18 -29.51 10.86
CA GLU C 17 -28.10 -29.09 12.25
C GLU C 17 -28.64 -30.20 13.15
N ARG C 18 -28.32 -30.13 14.44
CA ARG C 18 -28.80 -31.14 15.37
C ARG C 18 -30.12 -30.67 15.94
N ALA C 19 -30.98 -31.60 16.33
CA ALA C 19 -32.27 -31.25 16.88
C ALA C 19 -32.64 -32.13 18.07
N THR C 20 -33.31 -31.55 19.04
CA THR C 20 -33.73 -32.28 20.22
C THR C 20 -35.16 -31.87 20.54
N LEU C 21 -36.06 -32.85 20.57
CA LEU C 21 -37.47 -32.59 20.86
C LEU C 21 -37.82 -33.07 22.26
N SER C 22 -38.61 -32.25 22.97
CA SER C 22 -39.02 -32.57 24.34
C SER C 22 -40.46 -33.07 24.49
N CYS C 23 -40.65 -33.97 25.44
CA CYS C 23 -41.95 -34.55 25.74
C CYS C 23 -42.02 -34.68 27.27
N ARG C 24 -42.90 -33.91 27.88
CA ARG C 24 -43.06 -33.93 29.34
C ARG C 24 -44.40 -34.56 29.72
N ALA C 25 -44.35 -35.54 30.61
CA ALA C 25 -45.56 -36.23 31.06
C ALA C 25 -46.12 -35.62 32.33
N SER C 26 -47.45 -35.56 32.43
CA SER C 26 -48.12 -35.01 33.59
C SER C 26 -47.89 -35.88 34.82
N GLN C 27 -47.23 -37.03 34.61
CA GLN C 27 -46.91 -37.96 35.68
C GLN C 27 -45.97 -39.00 35.10
N SER C 28 -45.24 -39.69 35.97
CA SER C 28 -44.29 -40.71 35.54
C SER C 28 -44.91 -41.71 34.56
N VAL C 29 -44.13 -42.09 33.55
CA VAL C 29 -44.58 -43.03 32.54
C VAL C 29 -44.12 -44.45 32.87
N GLY C 30 -45.08 -45.30 33.24
CA GLY C 30 -44.77 -46.67 33.60
C GLY C 30 -43.79 -47.39 32.70
N ASN C 31 -42.77 -47.98 33.31
CA ASN C 31 -41.74 -48.73 32.59
C ASN C 31 -41.14 -47.98 31.42
N ASN C 32 -41.14 -46.65 31.50
CA ASN C 32 -40.59 -45.83 30.43
C ASN C 32 -41.13 -46.22 29.06
N LYS C 33 -42.38 -46.63 29.01
CA LYS C 33 -42.99 -47.01 27.75
C LYS C 33 -43.44 -45.76 27.02
N LEU C 34 -42.48 -45.11 26.38
CA LEU C 34 -42.72 -43.89 25.62
C LEU C 34 -42.11 -44.06 24.23
N ALA C 35 -42.88 -43.72 23.21
CA ALA C 35 -42.41 -43.86 21.85
C ALA C 35 -42.46 -42.55 21.06
N TRP C 36 -41.67 -42.49 20.01
CA TRP C 36 -41.63 -41.31 19.14
C TRP C 36 -41.96 -41.72 17.72
N TYR C 37 -42.84 -40.95 17.08
CA TYR C 37 -43.21 -41.24 15.70
C TYR C 37 -42.94 -40.04 14.81
N GLN C 38 -42.73 -40.31 13.53
CA GLN C 38 -42.50 -39.27 12.55
C GLN C 38 -43.63 -39.37 11.55
N GLN C 39 -44.24 -38.23 11.21
CA GLN C 39 -45.31 -38.24 10.24
C GLN C 39 -45.09 -37.17 9.17
N ARG C 40 -45.09 -37.61 7.91
CA ARG C 40 -44.90 -36.74 6.76
C ARG C 40 -46.29 -36.41 6.22
N PRO C 41 -46.45 -35.23 5.61
CA PRO C 41 -47.74 -34.82 5.06
C PRO C 41 -48.37 -35.89 4.17
N GLY C 42 -49.60 -36.27 4.49
CA GLY C 42 -50.30 -37.27 3.70
C GLY C 42 -49.86 -38.72 3.89
N GLN C 43 -49.06 -38.97 4.92
CA GLN C 43 -48.59 -40.32 5.19
C GLN C 43 -48.91 -40.75 6.61
N ALA C 44 -48.86 -42.06 6.84
CA ALA C 44 -49.13 -42.60 8.16
C ALA C 44 -47.87 -42.43 8.99
N PRO C 45 -48.01 -42.37 10.32
CA PRO C 45 -46.84 -42.22 11.19
C PRO C 45 -45.90 -43.40 11.03
N ARG C 46 -44.64 -43.21 11.43
CA ARG C 46 -43.63 -44.26 11.36
C ARG C 46 -42.91 -44.30 12.70
N LEU C 47 -42.82 -45.48 13.28
CA LEU C 47 -42.16 -45.66 14.57
C LEU C 47 -40.66 -45.44 14.47
N LEU C 48 -40.14 -44.59 15.35
CA LEU C 48 -38.71 -44.28 15.38
C LEU C 48 -38.04 -44.86 16.63
N ILE C 49 -38.63 -44.56 17.78
CA ILE C 49 -38.11 -45.02 19.06
C ILE C 49 -39.21 -45.58 19.95
N TYR C 50 -38.92 -46.70 20.62
CA TYR C 50 -39.86 -47.31 21.55
C TYR C 50 -39.11 -47.61 22.83
N GLY C 51 -39.84 -47.72 23.93
CA GLY C 51 -39.19 -48.01 25.20
C GLY C 51 -38.28 -46.88 25.62
N ALA C 52 -38.61 -45.68 25.17
CA ALA C 52 -37.84 -44.48 25.49
C ALA C 52 -36.48 -44.39 24.81
N SER C 53 -35.82 -45.52 24.59
CA SER C 53 -34.50 -45.47 23.96
C SER C 53 -34.19 -46.56 22.94
N SER C 54 -35.15 -47.43 22.65
CA SER C 54 -34.90 -48.50 21.69
C SER C 54 -35.24 -48.07 20.26
N ARG C 55 -34.32 -48.34 19.34
CA ARG C 55 -34.53 -47.98 17.95
C ARG C 55 -34.70 -49.23 17.10
N PRO C 56 -35.88 -49.44 16.53
CA PRO C 56 -36.09 -50.62 15.70
C PRO C 56 -35.18 -50.57 14.48
N SER C 57 -34.64 -51.71 14.09
CA SER C 57 -33.76 -51.76 12.92
C SER C 57 -34.53 -51.17 11.76
N GLY C 58 -33.84 -50.43 10.90
CA GLY C 58 -34.49 -49.81 9.76
C GLY C 58 -34.57 -48.32 9.97
N VAL C 59 -34.46 -47.89 11.23
CA VAL C 59 -34.51 -46.48 11.57
C VAL C 59 -33.09 -45.93 11.64
N ALA C 60 -32.84 -44.82 10.96
CA ALA C 60 -31.53 -44.20 10.93
C ALA C 60 -30.94 -44.04 12.33
N ASP C 61 -29.68 -44.45 12.48
CA ASP C 61 -28.97 -44.37 13.75
C ASP C 61 -28.80 -42.93 14.24
N ARG C 62 -29.03 -41.96 13.35
CA ARG C 62 -28.91 -40.57 13.75
C ARG C 62 -30.04 -40.20 14.70
N PHE C 63 -31.03 -41.07 14.79
CA PHE C 63 -32.17 -40.87 15.69
C PHE C 63 -31.85 -41.54 17.02
N SER C 64 -32.14 -40.86 18.11
CA SER C 64 -31.86 -41.42 19.41
C SER C 64 -32.84 -40.92 20.46
N GLY C 65 -33.19 -41.78 21.40
CA GLY C 65 -34.13 -41.39 22.44
C GLY C 65 -33.52 -41.54 23.82
N SER C 66 -33.98 -40.73 24.76
CA SER C 66 -33.46 -40.78 26.11
C SER C 66 -34.46 -40.18 27.07
N GLY C 67 -34.19 -40.33 28.36
CA GLY C 67 -35.07 -39.80 29.38
C GLY C 67 -35.72 -40.91 30.18
N SER C 68 -36.55 -40.53 31.14
CA SER C 68 -37.26 -41.46 31.99
C SER C 68 -38.19 -40.66 32.89
N GLY C 69 -38.99 -41.36 33.70
CA GLY C 69 -39.91 -40.67 34.58
C GLY C 69 -40.88 -39.79 33.82
N THR C 70 -40.67 -38.48 33.88
CA THR C 70 -41.57 -37.56 33.20
C THR C 70 -40.90 -36.69 32.14
N ASP C 71 -39.60 -36.89 31.93
CA ASP C 71 -38.85 -36.10 30.96
C ASP C 71 -38.18 -36.97 29.91
N PHE C 72 -38.60 -36.82 28.66
CA PHE C 72 -38.03 -37.61 27.58
C PHE C 72 -37.56 -36.71 26.45
N THR C 73 -36.57 -37.17 25.70
CA THR C 73 -36.02 -36.39 24.61
C THR C 73 -35.73 -37.22 23.37
N LEU C 74 -36.02 -36.63 22.21
CA LEU C 74 -35.75 -37.28 20.93
C LEU C 74 -34.64 -36.44 20.32
N THR C 75 -33.53 -37.07 19.98
CA THR C 75 -32.38 -36.37 19.40
C THR C 75 -32.08 -36.81 17.99
N ILE C 76 -31.86 -35.83 17.11
CA ILE C 76 -31.52 -36.10 15.72
C ILE C 76 -30.17 -35.43 15.48
N SER C 77 -29.10 -36.21 15.58
CA SER C 77 -27.74 -35.71 15.39
C SER C 77 -27.56 -34.73 14.24
N ARG C 78 -28.14 -35.05 13.09
CA ARG C 78 -28.03 -34.20 11.91
C ARG C 78 -29.32 -34.22 11.10
N LEU C 79 -30.02 -33.10 11.10
CA LEU C 79 -31.27 -32.98 10.37
C LEU C 79 -31.09 -33.14 8.86
N GLU C 80 -31.56 -34.25 8.33
CA GLU C 80 -31.48 -34.51 6.89
C GLU C 80 -32.72 -33.91 6.23
N PRO C 81 -32.69 -33.75 4.90
CA PRO C 81 -33.85 -33.19 4.20
C PRO C 81 -35.16 -33.90 4.54
N GLU C 82 -35.07 -35.21 4.74
CA GLU C 82 -36.22 -36.05 5.03
C GLU C 82 -36.67 -35.96 6.49
N ASP C 83 -35.81 -35.44 7.36
CA ASP C 83 -36.12 -35.33 8.78
C ASP C 83 -37.04 -34.17 9.12
N PHE C 84 -37.37 -33.33 8.15
CA PHE C 84 -38.25 -32.21 8.45
C PHE C 84 -39.70 -32.64 8.31
N ALA C 85 -40.35 -32.80 9.47
CA ALA C 85 -41.74 -33.22 9.51
C ALA C 85 -42.27 -33.02 10.92
N VAL C 86 -43.36 -33.69 11.24
CA VAL C 86 -43.95 -33.58 12.56
C VAL C 86 -43.53 -34.79 13.38
N TYR C 87 -43.31 -34.57 14.67
CA TYR C 87 -42.89 -35.64 15.56
C TYR C 87 -43.85 -35.74 16.75
N TYR C 88 -44.36 -36.94 16.99
CA TYR C 88 -45.29 -37.18 18.08
C TYR C 88 -44.73 -38.15 19.10
N CYS C 89 -44.94 -37.86 20.38
CA CYS C 89 -44.49 -38.78 21.41
C CYS C 89 -45.75 -39.47 21.93
N GLN C 90 -45.62 -40.74 22.29
CA GLN C 90 -46.76 -41.50 22.79
C GLN C 90 -46.37 -42.27 24.03
N GLN C 91 -47.27 -42.23 25.01
CA GLN C 91 -47.08 -42.94 26.26
C GLN C 91 -48.05 -44.12 26.30
N TYR C 92 -47.53 -45.30 26.58
CA TYR C 92 -48.34 -46.50 26.68
C TYR C 92 -47.96 -47.25 27.94
N GLY C 93 -47.58 -46.48 28.96
CA GLY C 93 -47.19 -47.04 30.24
C GLY C 93 -48.35 -47.53 31.06
N GLN C 94 -49.56 -47.33 30.53
CA GLN C 94 -50.76 -47.79 31.21
C GLN C 94 -51.85 -48.01 30.16
N SER C 95 -52.91 -48.73 30.53
CA SER C 95 -54.00 -49.03 29.59
C SER C 95 -54.50 -47.88 28.74
N LEU C 96 -54.61 -46.69 29.31
CA LEU C 96 -55.05 -45.54 28.53
C LEU C 96 -53.86 -44.83 27.91
N SER C 97 -53.55 -45.21 26.67
CA SER C 97 -52.43 -44.61 25.95
C SER C 97 -52.79 -43.22 25.47
N THR C 98 -51.80 -42.32 25.45
CA THR C 98 -52.03 -40.96 24.99
C THR C 98 -50.87 -40.42 24.17
N PHE C 99 -51.19 -39.49 23.28
CA PHE C 99 -50.22 -38.87 22.39
C PHE C 99 -49.97 -37.41 22.77
N GLY C 100 -48.82 -36.89 22.37
CA GLY C 100 -48.51 -35.50 22.61
C GLY C 100 -49.04 -34.77 21.38
N GLN C 101 -49.17 -33.45 21.46
CA GLN C 101 -49.70 -32.68 20.34
C GLN C 101 -48.76 -32.63 19.14
N GLY C 102 -47.51 -33.05 19.33
CA GLY C 102 -46.56 -33.05 18.25
C GLY C 102 -45.78 -31.77 18.08
N THR C 103 -44.59 -31.91 17.48
CA THR C 103 -43.73 -30.77 17.22
C THR C 103 -43.30 -30.79 15.75
N LYS C 104 -43.55 -29.67 15.06
CA LYS C 104 -43.18 -29.57 13.67
C LYS C 104 -41.78 -28.99 13.54
N VAL C 105 -40.95 -29.67 12.75
CA VAL C 105 -39.59 -29.23 12.50
C VAL C 105 -39.51 -28.77 11.05
N GLU C 106 -39.60 -27.46 10.85
CA GLU C 106 -39.54 -26.90 9.50
C GLU C 106 -38.12 -26.41 9.21
N VAL C 107 -37.82 -26.27 7.92
CA VAL C 107 -36.50 -25.81 7.50
C VAL C 107 -36.36 -24.31 7.71
N LYS C 108 -35.25 -23.91 8.34
CA LYS C 108 -35.00 -22.49 8.58
C LYS C 108 -34.26 -21.94 7.37
N ARG C 109 -34.72 -20.81 6.86
CA ARG C 109 -34.09 -20.17 5.71
C ARG C 109 -34.21 -18.65 5.80
N THR C 110 -33.59 -17.95 4.85
CA THR C 110 -33.61 -16.49 4.85
C THR C 110 -35.02 -15.94 4.66
N VAL C 111 -35.31 -14.80 5.27
CA VAL C 111 -36.61 -14.18 5.14
C VAL C 111 -36.90 -13.90 3.67
N ALA C 112 -38.14 -14.14 3.25
CA ALA C 112 -38.52 -13.90 1.87
C ALA C 112 -39.93 -13.32 1.81
N ALA C 113 -40.06 -12.13 1.22
CA ALA C 113 -41.34 -11.48 1.09
C ALA C 113 -42.20 -12.20 0.06
N PRO C 114 -43.52 -12.25 0.30
CA PRO C 114 -44.45 -12.92 -0.62
C PRO C 114 -44.80 -12.07 -1.83
N SER C 115 -45.14 -12.74 -2.93
CA SER C 115 -45.54 -12.04 -4.13
C SER C 115 -47.07 -12.06 -4.07
N VAL C 116 -47.68 -10.90 -3.84
CA VAL C 116 -49.12 -10.83 -3.72
C VAL C 116 -49.83 -10.63 -5.05
N PHE C 117 -50.98 -11.28 -5.19
CA PHE C 117 -51.81 -11.21 -6.39
C PHE C 117 -53.26 -11.20 -5.94
N ILE C 118 -54.14 -10.69 -6.78
CA ILE C 118 -55.56 -10.65 -6.48
C ILE C 118 -56.35 -10.96 -7.74
N PHE C 119 -57.35 -11.82 -7.63
CA PHE C 119 -58.15 -12.21 -8.79
C PHE C 119 -59.64 -11.89 -8.63
N PRO C 120 -60.20 -11.14 -9.56
CA PRO C 120 -61.63 -10.79 -9.49
C PRO C 120 -62.47 -12.03 -9.79
N PRO C 121 -63.68 -12.13 -9.21
CA PRO C 121 -64.52 -13.30 -9.48
C PRO C 121 -64.88 -13.34 -10.96
N SER C 122 -64.78 -14.53 -11.57
CA SER C 122 -65.09 -14.69 -12.98
C SER C 122 -66.55 -14.36 -13.28
N ASP C 123 -66.82 -13.99 -14.53
CA ASP C 123 -68.18 -13.66 -14.96
C ASP C 123 -69.07 -14.89 -14.86
N GLU C 124 -68.45 -16.06 -15.01
CA GLU C 124 -69.17 -17.32 -14.95
C GLU C 124 -69.81 -17.54 -13.58
N GLN C 125 -69.03 -17.30 -12.53
CA GLN C 125 -69.52 -17.47 -11.17
C GLN C 125 -70.57 -16.43 -10.79
N LEU C 126 -70.37 -15.19 -11.21
CA LEU C 126 -71.32 -14.12 -10.89
C LEU C 126 -72.72 -14.41 -11.39
N LYS C 127 -72.83 -15.14 -12.51
CA LYS C 127 -74.13 -15.48 -13.04
C LYS C 127 -74.75 -16.63 -12.23
N SER C 128 -74.13 -16.92 -11.08
CA SER C 128 -74.62 -17.98 -10.21
C SER C 128 -75.18 -17.38 -8.92
N GLY C 129 -74.86 -16.11 -8.68
CA GLY C 129 -75.37 -15.44 -7.50
C GLY C 129 -74.36 -15.33 -6.37
N THR C 130 -73.13 -15.75 -6.64
CA THR C 130 -72.07 -15.68 -5.63
C THR C 130 -70.78 -15.18 -6.25
N ALA C 131 -70.01 -14.42 -5.48
CA ALA C 131 -68.75 -13.88 -5.95
C ALA C 131 -67.60 -14.23 -5.00
N SER C 132 -66.54 -14.80 -5.55
CA SER C 132 -65.38 -15.19 -4.76
C SER C 132 -64.18 -14.36 -5.23
N VAL C 133 -63.51 -13.72 -4.27
CA VAL C 133 -62.33 -12.92 -4.59
C VAL C 133 -61.13 -13.59 -3.93
N VAL C 134 -60.15 -13.98 -4.73
CA VAL C 134 -58.97 -14.67 -4.21
C VAL C 134 -57.70 -13.83 -4.18
N CYS C 135 -56.95 -13.97 -3.09
CA CYS C 135 -55.69 -13.27 -2.92
C CYS C 135 -54.60 -14.30 -2.71
N LEU C 136 -53.57 -14.25 -3.54
CA LEU C 136 -52.46 -15.19 -3.44
C LEU C 136 -51.18 -14.58 -2.89
N LEU C 137 -50.59 -15.22 -1.90
CA LEU C 137 -49.33 -14.78 -1.31
C LEU C 137 -48.34 -15.89 -1.65
N ASN C 138 -47.58 -15.69 -2.71
CA ASN C 138 -46.64 -16.69 -3.19
C ASN C 138 -45.23 -16.70 -2.57
N ASN C 139 -44.75 -17.91 -2.32
CA ASN C 139 -43.43 -18.17 -1.76
C ASN C 139 -42.85 -17.15 -0.78
N PHE C 140 -43.32 -17.17 0.45
CA PHE C 140 -42.80 -16.26 1.47
C PHE C 140 -42.24 -17.06 2.64
N TYR C 141 -41.61 -16.35 3.58
CA TYR C 141 -41.04 -16.98 4.77
C TYR C 141 -40.62 -15.91 5.77
N PRO C 142 -40.85 -16.14 7.07
CA PRO C 142 -41.48 -17.34 7.66
C PRO C 142 -42.94 -17.57 7.34
N ARG C 143 -43.53 -18.53 8.03
CA ARG C 143 -44.92 -18.94 7.88
C ARG C 143 -45.90 -17.83 8.24
N GLU C 144 -45.66 -17.18 9.38
CA GLU C 144 -46.52 -16.10 9.86
C GLU C 144 -46.82 -15.06 8.79
N ALA C 145 -48.10 -14.75 8.61
CA ALA C 145 -48.50 -13.76 7.61
C ALA C 145 -49.97 -13.37 7.82
N LYS C 146 -50.25 -12.07 7.83
CA LYS C 146 -51.62 -11.61 8.00
C LYS C 146 -52.17 -10.99 6.73
N VAL C 147 -53.39 -11.36 6.37
CA VAL C 147 -54.03 -10.84 5.17
C VAL C 147 -55.34 -10.15 5.55
N GLN C 148 -55.55 -8.96 4.99
CA GLN C 148 -56.77 -8.23 5.27
C GLN C 148 -57.48 -7.75 4.03
N TRP C 149 -58.79 -7.95 3.99
CA TRP C 149 -59.59 -7.52 2.86
C TRP C 149 -60.21 -6.18 3.18
N LYS C 150 -60.36 -5.36 2.15
CA LYS C 150 -60.97 -4.04 2.30
C LYS C 150 -61.77 -3.75 1.06
N VAL C 151 -63.05 -3.47 1.23
CA VAL C 151 -63.94 -3.15 0.13
C VAL C 151 -64.22 -1.66 0.28
N ASP C 152 -63.83 -0.87 -0.72
CA ASP C 152 -63.99 0.57 -0.67
C ASP C 152 -63.42 1.05 0.66
N ASN C 153 -62.20 0.57 0.93
CA ASN C 153 -61.45 0.90 2.14
C ASN C 153 -62.15 0.46 3.43
N ALA C 154 -63.14 -0.40 3.30
CA ALA C 154 -63.86 -0.90 4.46
C ALA C 154 -63.32 -2.26 4.87
N LEU C 155 -62.67 -2.32 6.02
CA LEU C 155 -62.10 -3.56 6.52
C LEU C 155 -63.17 -4.64 6.62
N GLN C 156 -62.93 -5.77 5.95
CA GLN C 156 -63.87 -6.88 5.95
C GLN C 156 -63.65 -7.78 7.16
N SER C 157 -64.69 -8.53 7.53
CA SER C 157 -64.58 -9.42 8.68
C SER C 157 -65.64 -10.51 8.69
N GLY C 158 -65.20 -11.75 8.97
CA GLY C 158 -66.12 -12.87 9.03
C GLY C 158 -66.59 -13.42 7.70
N ASN C 159 -66.01 -12.96 6.60
CA ASN C 159 -66.43 -13.46 5.29
C ASN C 159 -65.25 -13.93 4.44
N SER C 160 -64.23 -14.48 5.10
CA SER C 160 -63.06 -14.98 4.39
C SER C 160 -62.46 -16.21 5.06
N GLN C 161 -61.87 -17.09 4.24
CA GLN C 161 -61.22 -18.29 4.74
C GLN C 161 -59.90 -18.40 4.01
N GLU C 162 -58.92 -19.02 4.63
CA GLU C 162 -57.60 -19.18 4.00
C GLU C 162 -56.94 -20.49 4.39
N SER C 163 -56.05 -20.98 3.52
CA SER C 163 -55.32 -22.20 3.78
C SER C 163 -53.89 -21.99 3.30
N VAL C 164 -52.95 -22.62 3.99
CA VAL C 164 -51.54 -22.52 3.67
C VAL C 164 -51.01 -23.86 3.19
N THR C 165 -50.05 -23.83 2.28
CA THR C 165 -49.47 -25.05 1.76
C THR C 165 -48.34 -25.52 2.68
N GLU C 166 -47.92 -26.76 2.51
CA GLU C 166 -46.82 -27.28 3.32
C GLU C 166 -45.56 -26.60 2.81
N GLN C 167 -44.57 -26.45 3.67
CA GLN C 167 -43.32 -25.82 3.28
C GLN C 167 -42.76 -26.49 2.04
N ASP C 168 -42.44 -25.68 1.02
CA ASP C 168 -41.89 -26.20 -0.23
C ASP C 168 -40.58 -26.92 0.02
N SER C 169 -40.39 -28.06 -0.63
CA SER C 169 -39.18 -28.85 -0.45
C SER C 169 -37.94 -28.24 -1.10
N LYS C 170 -38.13 -27.39 -2.10
CA LYS C 170 -37.02 -26.75 -2.80
C LYS C 170 -36.58 -25.43 -2.16
N ASP C 171 -37.46 -24.43 -2.23
CA ASP C 171 -37.16 -23.11 -1.70
C ASP C 171 -37.44 -22.96 -0.21
N SER C 172 -38.20 -23.90 0.35
CA SER C 172 -38.54 -23.87 1.78
C SER C 172 -39.44 -22.70 2.14
N THR C 173 -40.33 -22.33 1.23
CA THR C 173 -41.25 -21.23 1.48
C THR C 173 -42.68 -21.72 1.60
N TYR C 174 -43.55 -20.84 2.05
CA TYR C 174 -44.95 -21.14 2.21
C TYR C 174 -45.74 -20.28 1.24
N SER C 175 -46.95 -20.73 0.91
CA SER C 175 -47.82 -19.99 0.01
C SER C 175 -49.21 -20.00 0.63
N LEU C 176 -49.80 -18.83 0.77
CA LEU C 176 -51.13 -18.72 1.36
C LEU C 176 -52.16 -18.25 0.36
N SER C 177 -53.39 -18.72 0.53
CA SER C 177 -54.49 -18.36 -0.34
C SER C 177 -55.67 -17.92 0.52
N SER C 178 -56.22 -16.75 0.23
CA SER C 178 -57.36 -16.24 0.97
C SER C 178 -58.52 -15.99 0.02
N THR C 179 -59.73 -16.34 0.47
CA THR C 179 -60.91 -16.15 -0.35
C THR C 179 -61.97 -15.32 0.36
N LEU C 180 -62.36 -14.21 -0.28
CA LEU C 180 -63.39 -13.33 0.27
C LEU C 180 -64.68 -13.69 -0.46
N THR C 181 -65.68 -14.13 0.30
CA THR C 181 -66.95 -14.52 -0.30
C THR C 181 -68.05 -13.48 -0.10
N LEU C 182 -68.72 -13.13 -1.19
CA LEU C 182 -69.80 -12.15 -1.15
C LEU C 182 -70.85 -12.51 -2.18
N SER C 183 -72.08 -12.06 -1.95
CA SER C 183 -73.17 -12.34 -2.88
C SER C 183 -73.02 -11.43 -4.09
N LYS C 184 -73.56 -11.86 -5.23
CA LYS C 184 -73.50 -11.07 -6.45
C LYS C 184 -73.97 -9.65 -6.18
N ALA C 185 -75.03 -9.52 -5.38
CA ALA C 185 -75.58 -8.22 -5.04
C ALA C 185 -74.56 -7.37 -4.30
N ASP C 186 -74.06 -7.89 -3.18
CA ASP C 186 -73.08 -7.18 -2.37
C ASP C 186 -71.82 -6.82 -3.15
N TYR C 187 -71.39 -7.73 -4.02
CA TYR C 187 -70.18 -7.51 -4.81
C TYR C 187 -70.34 -6.34 -5.77
N GLU C 188 -71.49 -6.23 -6.40
CA GLU C 188 -71.75 -5.16 -7.35
C GLU C 188 -72.22 -3.87 -6.68
N LYS C 189 -72.13 -3.83 -5.35
CA LYS C 189 -72.54 -2.66 -4.59
C LYS C 189 -71.32 -1.79 -4.33
N HIS C 190 -70.14 -2.37 -4.53
CA HIS C 190 -68.89 -1.66 -4.32
C HIS C 190 -68.05 -1.67 -5.59
N LYS C 191 -66.89 -1.02 -5.56
CA LYS C 191 -66.03 -0.97 -6.74
C LYS C 191 -64.57 -1.34 -6.52
N VAL C 192 -64.00 -0.93 -5.39
CA VAL C 192 -62.61 -1.21 -5.10
C VAL C 192 -62.39 -2.36 -4.12
N TYR C 193 -61.76 -3.43 -4.57
CA TYR C 193 -61.49 -4.59 -3.72
C TYR C 193 -59.98 -4.73 -3.53
N ALA C 194 -59.52 -4.66 -2.29
CA ALA C 194 -58.10 -4.75 -1.99
C ALA C 194 -57.71 -5.86 -1.03
N CYS C 195 -56.46 -6.30 -1.14
CA CYS C 195 -55.92 -7.35 -0.28
C CYS C 195 -54.63 -6.84 0.37
N GLU C 196 -54.75 -6.40 1.61
CA GLU C 196 -53.59 -5.87 2.33
C GLU C 196 -52.82 -7.01 2.98
N VAL C 197 -51.53 -7.08 2.69
CA VAL C 197 -50.67 -8.14 3.23
C VAL C 197 -49.56 -7.63 4.15
N THR C 198 -49.47 -8.22 5.34
CA THR C 198 -48.45 -7.85 6.30
C THR C 198 -47.50 -9.04 6.40
N HIS C 199 -46.23 -8.79 6.71
CA HIS C 199 -45.26 -9.87 6.81
C HIS C 199 -43.88 -9.40 7.24
N GLN C 200 -43.20 -10.23 8.03
CA GLN C 200 -41.87 -9.94 8.53
C GLN C 200 -40.98 -9.39 7.41
N GLY C 201 -41.16 -9.90 6.20
CA GLY C 201 -40.36 -9.45 5.07
C GLY C 201 -40.85 -8.18 4.40
N LEU C 202 -41.69 -7.42 5.10
CA LEU C 202 -42.22 -6.17 4.56
C LEU C 202 -42.12 -5.04 5.57
N SER C 203 -41.37 -3.99 5.21
CA SER C 203 -41.20 -2.85 6.09
C SER C 203 -42.54 -2.16 6.35
N SER C 204 -43.45 -2.28 5.39
CA SER C 204 -44.78 -1.71 5.51
C SER C 204 -45.78 -2.56 4.74
N PRO C 205 -47.06 -2.53 5.16
CA PRO C 205 -48.11 -3.31 4.51
C PRO C 205 -48.19 -3.11 2.99
N VAL C 206 -48.21 -4.22 2.26
CA VAL C 206 -48.30 -4.20 0.82
C VAL C 206 -49.75 -4.45 0.42
N THR C 207 -50.26 -3.67 -0.51
CA THR C 207 -51.65 -3.84 -0.94
C THR C 207 -51.79 -4.07 -2.44
N LYS C 208 -52.72 -4.93 -2.80
CA LYS C 208 -52.99 -5.25 -4.19
C LYS C 208 -54.51 -5.14 -4.32
N SER C 209 -54.98 -4.54 -5.39
CA SER C 209 -56.42 -4.37 -5.58
C SER C 209 -56.83 -4.19 -7.03
N PHE C 210 -58.12 -4.00 -7.24
CA PHE C 210 -58.68 -3.80 -8.57
C PHE C 210 -60.05 -3.15 -8.44
N ASN C 211 -60.53 -2.57 -9.53
CA ASN C 211 -61.85 -1.92 -9.53
C ASN C 211 -62.83 -2.76 -10.35
N ARG C 212 -63.98 -3.06 -9.75
CA ARG C 212 -64.99 -3.87 -10.40
C ARG C 212 -65.35 -3.29 -11.76
N GLY C 213 -65.04 -4.03 -12.81
CA GLY C 213 -65.34 -3.58 -14.15
C GLY C 213 -64.33 -2.55 -14.65
N GLU C 214 -63.16 -3.03 -15.05
CA GLU C 214 -62.11 -2.15 -15.54
C GLU C 214 -61.11 -2.94 -16.38
N GLN D 1 -42.95 -58.73 7.11
CA GLN D 1 -43.75 -58.36 5.90
C GLN D 1 -45.20 -58.17 6.31
N VAL D 2 -45.41 -57.49 7.42
CA VAL D 2 -46.74 -57.23 7.93
C VAL D 2 -47.43 -56.08 7.20
N GLN D 3 -48.50 -56.39 6.49
CA GLN D 3 -49.26 -55.36 5.78
C GLN D 3 -50.66 -55.23 6.35
N LEU D 4 -51.06 -54.00 6.66
CA LEU D 4 -52.38 -53.73 7.19
C LEU D 4 -53.18 -52.95 6.15
N VAL D 5 -54.17 -53.60 5.55
CA VAL D 5 -55.00 -52.99 4.53
C VAL D 5 -56.39 -52.61 5.05
N GLN D 6 -56.68 -51.32 5.07
CA GLN D 6 -57.97 -50.83 5.55
C GLN D 6 -59.00 -50.71 4.43
N SER D 7 -60.27 -50.58 4.83
CA SER D 7 -61.36 -50.42 3.86
C SER D 7 -61.41 -48.97 3.37
N GLY D 8 -62.16 -48.75 2.30
CA GLY D 8 -62.27 -47.43 1.69
C GLY D 8 -62.89 -46.30 2.49
N ALA D 9 -62.80 -45.09 1.94
CA ALA D 9 -63.33 -43.89 2.56
C ALA D 9 -64.84 -43.98 2.76
N GLU D 10 -65.34 -43.35 3.81
CA GLU D 10 -66.78 -43.38 4.11
C GLU D 10 -67.35 -42.00 4.36
N VAL D 11 -68.62 -41.84 4.06
CA VAL D 11 -69.33 -40.59 4.29
C VAL D 11 -70.52 -41.01 5.14
N LYS D 12 -70.66 -40.42 6.33
CA LYS D 12 -71.74 -40.77 7.24
C LYS D 12 -72.55 -39.60 7.76
N ARG D 13 -73.86 -39.81 7.90
CA ARG D 13 -74.74 -38.78 8.42
C ARG D 13 -74.54 -38.69 9.92
N PRO D 14 -74.73 -37.50 10.51
CA PRO D 14 -74.55 -37.36 11.94
C PRO D 14 -75.53 -38.30 12.65
N GLY D 15 -75.07 -38.99 13.67
CA GLY D 15 -75.92 -39.89 14.39
C GLY D 15 -75.85 -41.32 13.90
N SER D 16 -75.28 -41.52 12.71
CA SER D 16 -75.17 -42.86 12.17
C SER D 16 -73.96 -43.58 12.75
N SER D 17 -73.69 -44.77 12.22
CA SER D 17 -72.57 -45.57 12.70
C SER D 17 -71.63 -45.95 11.56
N VAL D 18 -70.35 -46.12 11.87
CA VAL D 18 -69.37 -46.50 10.86
C VAL D 18 -68.51 -47.66 11.33
N THR D 19 -68.12 -48.52 10.38
CA THR D 19 -67.28 -49.66 10.69
C THR D 19 -66.10 -49.67 9.72
N VAL D 20 -64.89 -49.57 10.28
CA VAL D 20 -63.68 -49.58 9.49
C VAL D 20 -62.97 -50.89 9.71
N SER D 21 -62.56 -51.54 8.62
CA SER D 21 -61.88 -52.82 8.73
C SER D 21 -60.38 -52.69 8.48
N CYS D 22 -59.65 -53.67 8.99
CA CYS D 22 -58.21 -53.71 8.86
C CYS D 22 -57.77 -55.16 8.71
N LYS D 23 -57.45 -55.56 7.49
CA LYS D 23 -57.02 -56.92 7.24
C LYS D 23 -55.50 -56.98 7.22
N ALA D 24 -54.94 -57.82 8.08
CA ALA D 24 -53.49 -57.97 8.15
C ALA D 24 -53.06 -59.24 7.45
N SER D 25 -51.81 -59.24 6.99
CA SER D 25 -51.24 -60.40 6.31
C SER D 25 -49.73 -60.26 6.39
N GLY D 26 -49.08 -61.21 7.05
CA GLY D 26 -47.63 -61.15 7.16
C GLY D 26 -47.09 -61.50 8.53
N GLY D 27 -47.96 -61.48 9.54
CA GLY D 27 -47.51 -61.81 10.88
C GLY D 27 -48.49 -62.71 11.61
N SER D 28 -48.41 -62.70 12.93
CA SER D 28 -49.31 -63.49 13.76
C SER D 28 -50.44 -62.60 14.24
N PHE D 29 -51.56 -62.62 13.52
CA PHE D 29 -52.71 -61.80 13.85
C PHE D 29 -53.21 -61.98 15.28
N SER D 30 -53.36 -63.24 15.68
CA SER D 30 -53.90 -63.56 17.01
C SER D 30 -53.12 -63.13 18.25
N THR D 31 -51.79 -63.17 18.18
CA THR D 31 -50.98 -62.84 19.36
C THR D 31 -50.46 -61.42 19.50
N TYR D 32 -50.86 -60.50 18.63
CA TYR D 32 -50.38 -59.12 18.72
C TYR D 32 -51.52 -58.10 18.88
N ALA D 33 -51.29 -57.12 19.74
CA ALA D 33 -52.28 -56.06 20.02
C ALA D 33 -52.51 -55.13 18.84
N LEU D 34 -53.78 -54.94 18.50
CA LEU D 34 -54.14 -54.05 17.39
C LEU D 34 -54.94 -52.88 17.91
N SER D 35 -54.44 -51.67 17.70
CA SER D 35 -55.13 -50.46 18.15
C SER D 35 -55.65 -49.64 16.98
N TRP D 36 -56.54 -48.70 17.29
CA TRP D 36 -57.06 -47.78 16.30
C TRP D 36 -56.69 -46.38 16.75
N VAL D 37 -56.12 -45.61 15.83
CA VAL D 37 -55.69 -44.24 16.09
C VAL D 37 -56.32 -43.32 15.05
N ARG D 38 -56.88 -42.20 15.48
CA ARG D 38 -57.48 -41.28 14.51
C ARG D 38 -56.82 -39.91 14.54
N GLN D 39 -56.98 -39.19 13.45
CA GLN D 39 -56.39 -37.86 13.30
C GLN D 39 -57.32 -36.98 12.48
N ALA D 40 -57.89 -35.95 13.12
CA ALA D 40 -58.78 -35.03 12.45
C ALA D 40 -57.92 -34.10 11.58
N PRO D 41 -58.50 -33.49 10.55
CA PRO D 41 -57.78 -32.58 9.65
C PRO D 41 -56.94 -31.54 10.37
N GLY D 42 -55.63 -31.56 10.14
CA GLY D 42 -54.73 -30.60 10.76
C GLY D 42 -54.56 -30.74 12.26
N ARG D 43 -54.91 -31.90 12.80
CA ARG D 43 -54.79 -32.13 14.23
C ARG D 43 -53.80 -33.25 14.56
N GLY D 44 -53.71 -33.60 15.83
CA GLY D 44 -52.79 -34.64 16.25
C GLY D 44 -53.35 -36.04 16.21
N LEU D 45 -52.55 -37.00 16.66
CA LEU D 45 -52.95 -38.40 16.70
C LEU D 45 -53.68 -38.67 18.00
N GLU D 46 -54.70 -39.53 17.94
CA GLU D 46 -55.46 -39.86 19.14
C GLU D 46 -55.72 -41.36 19.21
N TRP D 47 -55.30 -41.98 20.30
CA TRP D 47 -55.50 -43.41 20.50
C TRP D 47 -56.95 -43.62 20.94
N MET D 48 -57.67 -44.48 20.23
CA MET D 48 -59.06 -44.72 20.55
C MET D 48 -59.27 -45.98 21.38
N GLY D 49 -58.54 -47.02 21.01
CA GLY D 49 -58.65 -48.29 21.70
C GLY D 49 -57.97 -49.36 20.89
N GLY D 50 -58.01 -50.60 21.37
CA GLY D 50 -57.39 -51.69 20.67
C GLY D 50 -57.88 -53.04 21.14
N VAL D 51 -57.47 -54.10 20.44
CA VAL D 51 -57.89 -55.44 20.81
C VAL D 51 -56.79 -56.47 20.63
N ILE D 52 -56.80 -57.48 21.49
CA ILE D 52 -55.86 -58.58 21.40
C ILE D 52 -56.76 -59.77 21.00
N PRO D 53 -56.66 -60.23 19.75
CA PRO D 53 -57.47 -61.35 19.23
C PRO D 53 -57.68 -62.54 20.17
N LEU D 54 -56.60 -63.19 20.60
CA LEU D 54 -56.75 -64.32 21.52
C LEU D 54 -57.38 -63.81 22.80
N LEU D 55 -58.43 -64.51 23.25
CA LEU D 55 -59.16 -64.14 24.45
C LEU D 55 -59.90 -62.81 24.29
N THR D 56 -59.88 -62.29 23.07
CA THR D 56 -60.56 -61.03 22.72
C THR D 56 -60.52 -60.00 23.83
N ILE D 57 -59.32 -59.58 24.21
CA ILE D 57 -59.15 -58.59 25.26
C ILE D 57 -59.19 -57.19 24.70
N THR D 58 -60.28 -56.48 24.95
CA THR D 58 -60.43 -55.13 24.45
C THR D 58 -59.97 -54.09 25.47
N ASN D 59 -59.69 -52.89 24.97
CA ASN D 59 -59.22 -51.78 25.79
C ASN D 59 -59.69 -50.51 25.09
N TYR D 60 -60.61 -49.78 25.72
CA TYR D 60 -61.13 -48.55 25.12
C TYR D 60 -60.77 -47.31 25.91
N ALA D 61 -60.54 -46.22 25.19
CA ALA D 61 -60.23 -44.96 25.84
C ALA D 61 -61.54 -44.48 26.45
N PRO D 62 -61.49 -43.97 27.69
CA PRO D 62 -62.70 -43.50 28.36
C PRO D 62 -63.55 -42.53 27.54
N ARG D 63 -62.89 -41.72 26.71
CA ARG D 63 -63.60 -40.75 25.89
C ARG D 63 -64.53 -41.38 24.85
N PHE D 64 -64.29 -42.65 24.52
CA PHE D 64 -65.12 -43.35 23.54
C PHE D 64 -65.97 -44.46 24.16
N GLN D 65 -65.63 -44.86 25.38
CA GLN D 65 -66.36 -45.92 26.07
C GLN D 65 -67.87 -45.69 25.96
N GLY D 66 -68.59 -46.71 25.48
CA GLY D 66 -70.02 -46.59 25.33
C GLY D 66 -70.48 -46.26 23.92
N ARG D 67 -69.54 -45.91 23.04
CA ARG D 67 -69.83 -45.57 21.66
C ARG D 67 -68.96 -46.39 20.70
N ILE D 68 -67.99 -47.08 21.27
CA ILE D 68 -67.05 -47.83 20.47
C ILE D 68 -67.07 -49.34 20.72
N THR D 69 -66.79 -50.11 19.69
CA THR D 69 -66.73 -51.56 19.78
C THR D 69 -65.69 -52.07 18.81
N ILE D 70 -64.62 -52.66 19.32
CA ILE D 70 -63.59 -53.21 18.45
C ILE D 70 -63.69 -54.72 18.51
N THR D 71 -63.72 -55.36 17.34
CA THR D 71 -63.82 -56.81 17.28
C THR D 71 -62.76 -57.35 16.34
N ALA D 72 -62.45 -58.63 16.51
CA ALA D 72 -61.45 -59.28 15.67
C ALA D 72 -61.99 -60.59 15.13
N ASP D 73 -61.53 -60.97 13.95
CA ASP D 73 -61.95 -62.21 13.33
C ASP D 73 -60.71 -62.95 12.87
N ARG D 74 -60.24 -63.88 13.69
CA ARG D 74 -59.04 -64.63 13.39
C ARG D 74 -59.15 -65.45 12.11
N SER D 75 -60.37 -65.80 11.72
CA SER D 75 -60.53 -66.60 10.51
C SER D 75 -60.14 -65.80 9.27
N THR D 76 -60.14 -64.47 9.37
CA THR D 76 -59.78 -63.63 8.24
C THR D 76 -58.65 -62.65 8.58
N SER D 77 -58.10 -62.78 9.79
CA SER D 77 -57.04 -61.87 10.24
C SER D 77 -57.49 -60.43 10.09
N THR D 78 -58.79 -60.20 10.26
CA THR D 78 -59.35 -58.85 10.14
C THR D 78 -59.84 -58.28 11.45
N ALA D 79 -59.48 -57.02 11.73
CA ALA D 79 -59.92 -56.34 12.94
C ALA D 79 -60.95 -55.28 12.53
N TYR D 80 -61.88 -54.96 13.43
CA TYR D 80 -62.91 -53.99 13.12
C TYR D 80 -63.15 -52.92 14.17
N LEU D 81 -63.30 -51.68 13.70
CA LEU D 81 -63.57 -50.55 14.58
C LEU D 81 -64.99 -50.06 14.24
N GLU D 82 -65.86 -50.04 15.24
CA GLU D 82 -67.21 -49.57 15.03
C GLU D 82 -67.40 -48.37 15.95
N LEU D 83 -67.84 -47.25 15.39
CA LEU D 83 -68.05 -46.03 16.17
C LEU D 83 -69.48 -45.57 15.91
N ASN D 84 -70.29 -45.54 16.95
CA ASN D 84 -71.69 -45.13 16.82
C ASN D 84 -71.93 -43.67 17.19
N SER D 85 -73.15 -43.20 16.92
CA SER D 85 -73.54 -41.84 17.21
C SER D 85 -72.50 -40.84 16.69
N LEU D 86 -72.20 -40.94 15.40
CA LEU D 86 -71.21 -40.08 14.78
C LEU D 86 -71.57 -38.60 14.84
N ARG D 87 -70.57 -37.78 15.17
CA ARG D 87 -70.72 -36.33 15.27
C ARG D 87 -69.79 -35.72 14.21
N PRO D 88 -70.08 -34.48 13.77
CA PRO D 88 -69.21 -33.86 12.77
C PRO D 88 -67.76 -33.91 13.24
N GLU D 89 -67.58 -33.76 14.55
CA GLU D 89 -66.27 -33.79 15.19
C GLU D 89 -65.52 -35.12 14.98
N ASP D 90 -66.25 -36.17 14.60
CA ASP D 90 -65.61 -37.46 14.37
C ASP D 90 -64.97 -37.55 12.99
N THR D 91 -65.14 -36.50 12.19
CA THR D 91 -64.55 -36.48 10.86
C THR D 91 -63.05 -36.61 11.06
N ALA D 92 -62.46 -37.61 10.40
CA ALA D 92 -61.03 -37.83 10.55
C ALA D 92 -60.53 -39.01 9.73
N VAL D 93 -59.22 -39.21 9.81
CA VAL D 93 -58.57 -40.33 9.16
C VAL D 93 -58.37 -41.33 10.29
N TYR D 94 -58.86 -42.54 10.10
CA TYR D 94 -58.74 -43.59 11.11
C TYR D 94 -57.68 -44.59 10.66
N TYR D 95 -56.73 -44.86 11.56
CA TYR D 95 -55.65 -45.81 11.27
C TYR D 95 -55.65 -47.00 12.22
N CYS D 96 -55.38 -48.19 11.69
CA CYS D 96 -55.24 -49.32 12.57
C CYS D 96 -53.74 -49.39 12.76
N ALA D 97 -53.31 -49.83 13.93
CA ALA D 97 -51.89 -49.93 14.22
C ALA D 97 -51.57 -51.13 15.09
N ARG D 98 -50.72 -52.01 14.58
CA ARG D 98 -50.32 -53.18 15.35
C ARG D 98 -48.95 -52.93 15.96
N GLU D 99 -48.72 -53.48 17.15
CA GLU D 99 -47.44 -53.32 17.83
C GLU D 99 -46.37 -54.05 17.03
N GLY D 100 -45.12 -53.66 17.24
CA GLY D 100 -44.03 -54.32 16.54
C GLY D 100 -43.41 -55.42 17.39
N THR D 101 -42.39 -56.07 16.85
CA THR D 101 -41.68 -57.14 17.55
C THR D 101 -40.20 -56.77 17.59
N THR D 102 -39.47 -57.33 18.55
CA THR D 102 -38.05 -57.03 18.69
C THR D 102 -37.16 -57.74 17.68
N GLY D 103 -36.19 -56.99 17.18
CA GLY D 103 -35.23 -57.51 16.21
C GLY D 103 -35.74 -58.41 15.10
N TRP D 104 -34.98 -59.46 14.84
CA TRP D 104 -35.27 -60.44 13.79
C TRP D 104 -36.75 -60.81 13.60
N GLY D 105 -37.14 -60.89 12.33
CA GLY D 105 -38.50 -61.27 11.99
C GLY D 105 -39.61 -60.30 12.32
N TRP D 106 -40.84 -60.79 12.14
CA TRP D 106 -42.06 -60.03 12.41
C TRP D 106 -42.79 -60.80 13.50
N LEU D 107 -41.99 -61.35 14.40
CA LEU D 107 -42.43 -62.12 15.55
C LEU D 107 -41.20 -62.14 16.45
N GLY D 108 -41.30 -62.82 17.60
CA GLY D 108 -40.14 -62.88 18.49
C GLY D 108 -40.38 -62.26 19.85
N LYS D 109 -41.09 -61.12 19.87
CA LYS D 109 -41.40 -60.44 21.11
C LYS D 109 -42.07 -59.11 20.84
N PRO D 110 -43.33 -58.96 21.27
CA PRO D 110 -44.11 -57.73 21.08
C PRO D 110 -43.52 -56.55 21.86
N ILE D 111 -43.56 -55.36 21.27
CA ILE D 111 -43.01 -54.18 21.93
C ILE D 111 -44.02 -53.13 22.37
N GLY D 112 -45.31 -53.37 22.11
CA GLY D 112 -46.33 -52.43 22.53
C GLY D 112 -46.48 -51.21 21.62
N ALA D 113 -45.37 -50.58 21.26
CA ALA D 113 -45.40 -49.40 20.40
C ALA D 113 -45.83 -49.82 19.00
N PHE D 114 -46.50 -48.91 18.31
CA PHE D 114 -47.04 -49.16 16.98
C PHE D 114 -46.04 -49.07 15.83
N ALA D 115 -45.60 -50.24 15.34
CA ALA D 115 -44.64 -50.28 14.26
C ALA D 115 -45.32 -50.45 12.90
N HIS D 116 -46.53 -51.00 12.90
CA HIS D 116 -47.24 -51.20 11.64
C HIS D 116 -48.53 -50.39 11.60
N TRP D 117 -48.74 -49.71 10.48
CA TRP D 117 -49.93 -48.88 10.28
C TRP D 117 -50.58 -49.20 8.95
N GLY D 118 -51.90 -49.02 8.89
CA GLY D 118 -52.61 -49.26 7.65
C GLY D 118 -52.52 -47.99 6.82
N GLN D 119 -53.08 -47.98 5.62
CA GLN D 119 -53.02 -46.78 4.77
C GLN D 119 -53.95 -45.67 5.26
N GLY D 120 -54.77 -45.97 6.26
CA GLY D 120 -55.69 -44.97 6.78
C GLY D 120 -57.02 -44.94 6.02
N THR D 121 -58.08 -44.58 6.74
CA THR D 121 -59.42 -44.49 6.15
C THR D 121 -60.06 -43.18 6.56
N LEU D 122 -60.47 -42.38 5.58
CA LEU D 122 -61.09 -41.10 5.87
C LEU D 122 -62.59 -41.27 6.10
N VAL D 123 -63.06 -40.80 7.25
CA VAL D 123 -64.47 -40.89 7.55
C VAL D 123 -64.98 -39.45 7.69
N THR D 124 -65.89 -39.07 6.80
CA THR D 124 -66.47 -37.74 6.82
C THR D 124 -67.88 -37.80 7.37
N VAL D 125 -68.12 -37.10 8.46
CA VAL D 125 -69.43 -37.08 9.08
C VAL D 125 -70.14 -35.77 8.77
N SER D 126 -71.07 -35.83 7.83
CA SER D 126 -71.80 -34.63 7.42
C SER D 126 -73.18 -34.96 6.88
N SER D 127 -74.07 -33.97 6.93
CA SER D 127 -75.43 -34.15 6.42
C SER D 127 -75.42 -33.73 4.97
N ALA D 128 -74.30 -33.17 4.53
CA ALA D 128 -74.14 -32.72 3.16
C ALA D 128 -74.31 -33.85 2.16
N SER D 129 -74.52 -33.49 0.90
CA SER D 129 -74.70 -34.49 -0.16
C SER D 129 -73.52 -34.46 -1.12
N THR D 130 -73.17 -35.63 -1.65
CA THR D 130 -72.06 -35.73 -2.59
C THR D 130 -72.34 -34.82 -3.77
N LYS D 131 -71.37 -33.99 -4.12
CA LYS D 131 -71.53 -33.04 -5.22
C LYS D 131 -70.22 -32.70 -5.91
N GLY D 132 -70.24 -32.68 -7.24
CA GLY D 132 -69.06 -32.35 -7.99
C GLY D 132 -68.75 -30.86 -7.83
N PRO D 133 -67.51 -30.45 -8.08
CA PRO D 133 -67.13 -29.03 -7.93
C PRO D 133 -67.33 -28.17 -9.17
N SER D 134 -67.33 -26.86 -8.97
CA SER D 134 -67.46 -25.91 -10.06
C SER D 134 -66.07 -25.31 -10.21
N VAL D 135 -65.55 -25.30 -11.43
CA VAL D 135 -64.21 -24.77 -11.66
C VAL D 135 -64.23 -23.41 -12.34
N PHE D 136 -63.88 -22.38 -11.59
CA PHE D 136 -63.85 -21.02 -12.11
C PHE D 136 -62.41 -20.59 -12.33
N PRO D 137 -62.15 -19.90 -13.44
CA PRO D 137 -60.79 -19.45 -13.74
C PRO D 137 -60.33 -18.28 -12.88
N LEU D 138 -59.03 -18.26 -12.60
CA LEU D 138 -58.42 -17.18 -11.83
C LEU D 138 -57.55 -16.45 -12.85
N ALA D 139 -58.22 -15.87 -13.84
CA ALA D 139 -57.60 -15.12 -14.94
C ALA D 139 -56.32 -14.38 -14.57
N PRO D 140 -55.33 -14.40 -15.46
CA PRO D 140 -54.05 -13.72 -15.22
C PRO D 140 -54.26 -12.21 -15.33
N SER D 141 -53.76 -11.48 -14.33
CA SER D 141 -53.90 -10.04 -14.30
C SER D 141 -53.19 -9.36 -15.48
N SER D 142 -53.95 -8.62 -16.28
CA SER D 142 -53.40 -7.92 -17.42
C SER D 142 -52.73 -6.64 -16.93
N LYS D 143 -53.00 -6.28 -15.69
CA LYS D 143 -52.43 -5.07 -15.09
C LYS D 143 -51.01 -5.38 -14.60
N SER D 144 -50.22 -5.99 -15.47
CA SER D 144 -48.83 -6.34 -15.13
C SER D 144 -48.01 -6.41 -16.41
N THR D 145 -47.12 -5.44 -16.59
CA THR D 145 -46.26 -5.37 -17.77
C THR D 145 -45.49 -6.66 -18.04
N SER D 146 -45.13 -6.86 -19.32
CA SER D 146 -44.40 -8.05 -19.74
C SER D 146 -43.13 -8.26 -18.91
N GLY D 147 -42.52 -9.42 -19.08
CA GLY D 147 -41.32 -9.74 -18.31
C GLY D 147 -41.79 -10.18 -16.93
N GLY D 148 -40.88 -10.35 -15.99
CA GLY D 148 -41.27 -10.77 -14.67
C GLY D 148 -42.19 -11.99 -14.68
N THR D 149 -42.85 -12.25 -13.56
CA THR D 149 -43.73 -13.39 -13.44
C THR D 149 -45.20 -13.02 -13.26
N ALA D 150 -46.08 -13.85 -13.83
CA ALA D 150 -47.52 -13.64 -13.73
C ALA D 150 -48.14 -14.77 -12.93
N ALA D 151 -49.35 -14.56 -12.41
CA ALA D 151 -50.03 -15.59 -11.63
C ALA D 151 -51.41 -15.91 -12.19
N LEU D 152 -51.74 -17.19 -12.22
CA LEU D 152 -53.05 -17.63 -12.71
C LEU D 152 -53.43 -18.92 -11.99
N GLY D 153 -54.69 -19.34 -12.15
CA GLY D 153 -55.13 -20.56 -11.50
C GLY D 153 -56.60 -20.90 -11.67
N CYS D 154 -57.07 -21.84 -10.86
CA CYS D 154 -58.46 -22.28 -10.90
C CYS D 154 -59.05 -22.31 -9.50
N LEU D 155 -60.36 -22.09 -9.42
CA LEU D 155 -61.06 -22.10 -8.15
C LEU D 155 -62.03 -23.27 -8.16
N VAL D 156 -61.74 -24.29 -7.35
CA VAL D 156 -62.59 -25.47 -7.26
C VAL D 156 -63.56 -25.23 -6.11
N LYS D 157 -64.73 -24.73 -6.44
CA LYS D 157 -65.71 -24.40 -5.42
C LYS D 157 -66.95 -25.29 -5.31
N ASP D 158 -67.42 -25.41 -4.07
CA ASP D 158 -68.61 -26.16 -3.72
C ASP D 158 -68.66 -27.64 -4.11
N TYR D 159 -67.82 -28.44 -3.48
CA TYR D 159 -67.80 -29.87 -3.74
C TYR D 159 -67.85 -30.62 -2.43
N PHE D 160 -68.25 -31.88 -2.49
CA PHE D 160 -68.32 -32.73 -1.31
C PHE D 160 -68.41 -34.19 -1.72
N PRO D 161 -67.64 -35.06 -1.05
CA PRO D 161 -66.73 -34.67 0.03
C PRO D 161 -65.31 -34.66 -0.49
N GLU D 162 -64.35 -34.59 0.42
CA GLU D 162 -62.94 -34.64 0.04
C GLU D 162 -62.76 -36.03 -0.58
N PRO D 163 -61.75 -36.20 -1.45
CA PRO D 163 -60.80 -35.18 -1.89
C PRO D 163 -60.97 -34.85 -3.37
N VAL D 164 -60.18 -33.89 -3.84
CA VAL D 164 -60.21 -33.48 -5.24
C VAL D 164 -58.77 -33.45 -5.75
N THR D 165 -58.58 -33.83 -7.01
CA THR D 165 -57.26 -33.80 -7.60
C THR D 165 -57.19 -32.71 -8.66
N VAL D 166 -56.09 -31.96 -8.67
CA VAL D 166 -55.90 -30.90 -9.63
C VAL D 166 -54.52 -30.97 -10.27
N SER D 167 -54.49 -30.96 -11.60
CA SER D 167 -53.25 -31.01 -12.34
C SER D 167 -53.30 -29.97 -13.45
N TRP D 168 -52.16 -29.59 -14.00
CA TRP D 168 -52.13 -28.59 -15.06
C TRP D 168 -51.58 -29.12 -16.37
N ASN D 169 -52.28 -28.80 -17.47
CA ASN D 169 -51.89 -29.24 -18.80
C ASN D 169 -51.66 -30.75 -18.79
N SER D 170 -52.54 -31.45 -18.08
CA SER D 170 -52.47 -32.91 -17.98
C SER D 170 -51.13 -33.41 -17.45
N GLY D 171 -50.59 -32.71 -16.45
CA GLY D 171 -49.34 -33.12 -15.87
C GLY D 171 -48.11 -32.46 -16.48
N ALA D 172 -48.25 -31.99 -17.72
CA ALA D 172 -47.14 -31.33 -18.41
C ALA D 172 -46.59 -30.18 -17.58
N LEU D 173 -47.48 -29.39 -17.00
CA LEU D 173 -47.08 -28.25 -16.17
C LEU D 173 -47.07 -28.66 -14.71
N THR D 174 -45.90 -28.59 -14.08
CA THR D 174 -45.77 -28.99 -12.68
C THR D 174 -45.04 -27.97 -11.82
N SER D 175 -44.06 -27.29 -12.40
CA SER D 175 -43.29 -26.30 -11.66
C SER D 175 -44.11 -25.04 -11.39
N GLY D 176 -43.90 -24.44 -10.22
CA GLY D 176 -44.60 -23.22 -9.87
C GLY D 176 -46.05 -23.43 -9.46
N VAL D 177 -46.51 -24.67 -9.48
CA VAL D 177 -47.89 -24.97 -9.12
C VAL D 177 -48.08 -25.04 -7.60
N HIS D 178 -49.20 -24.49 -7.14
CA HIS D 178 -49.54 -24.47 -5.73
C HIS D 178 -51.00 -24.81 -5.50
N THR D 179 -51.29 -26.08 -5.25
CA THR D 179 -52.66 -26.48 -4.98
C THR D 179 -52.82 -26.43 -3.46
N PHE D 180 -53.75 -25.59 -3.01
CA PHE D 180 -53.98 -25.38 -1.58
C PHE D 180 -54.92 -26.36 -0.89
N PRO D 181 -54.71 -26.56 0.42
CA PRO D 181 -55.55 -27.47 1.20
C PRO D 181 -56.96 -26.87 1.15
N ALA D 182 -57.96 -27.68 0.87
CA ALA D 182 -59.32 -27.17 0.81
C ALA D 182 -59.77 -26.61 2.16
N VAL D 183 -60.85 -25.83 2.13
CA VAL D 183 -61.42 -25.28 3.36
C VAL D 183 -62.88 -25.67 3.38
N LEU D 184 -63.41 -25.95 4.57
CA LEU D 184 -64.81 -26.32 4.71
C LEU D 184 -65.63 -25.05 4.93
N GLN D 185 -66.55 -24.77 4.01
CA GLN D 185 -67.39 -23.59 4.11
C GLN D 185 -68.61 -23.88 4.96
N SER D 186 -69.15 -22.84 5.59
CA SER D 186 -70.31 -22.97 6.45
C SER D 186 -71.49 -23.65 5.74
N SER D 187 -71.42 -23.69 4.41
CA SER D 187 -72.47 -24.31 3.61
C SER D 187 -72.36 -25.83 3.74
N GLY D 188 -71.28 -26.29 4.34
CA GLY D 188 -71.06 -27.71 4.50
C GLY D 188 -70.35 -28.28 3.28
N LEU D 189 -69.97 -27.40 2.35
CA LEU D 189 -69.27 -27.83 1.15
C LEU D 189 -67.83 -27.37 1.19
N TYR D 190 -66.98 -28.08 0.45
CA TYR D 190 -65.56 -27.76 0.38
C TYR D 190 -65.23 -26.83 -0.78
N SER D 191 -64.07 -26.20 -0.71
CA SER D 191 -63.62 -25.30 -1.75
C SER D 191 -62.12 -25.14 -1.69
N LEU D 192 -61.46 -25.23 -2.84
CA LEU D 192 -60.01 -25.09 -2.88
C LEU D 192 -59.57 -24.39 -4.16
N SER D 193 -58.38 -23.81 -4.11
CA SER D 193 -57.82 -23.11 -5.26
C SER D 193 -56.45 -23.66 -5.60
N SER D 194 -56.14 -23.70 -6.89
CA SER D 194 -54.86 -24.17 -7.35
C SER D 194 -54.26 -23.07 -8.24
N VAL D 195 -53.05 -22.65 -7.92
CA VAL D 195 -52.40 -21.60 -8.69
C VAL D 195 -51.08 -22.05 -9.30
N VAL D 196 -50.50 -21.18 -10.12
CA VAL D 196 -49.21 -21.43 -10.77
C VAL D 196 -48.69 -20.12 -11.35
N THR D 197 -47.38 -19.90 -11.20
CA THR D 197 -46.76 -18.69 -11.73
C THR D 197 -45.93 -19.01 -12.97
N VAL D 198 -46.35 -18.47 -14.10
CA VAL D 198 -45.66 -18.70 -15.37
C VAL D 198 -45.07 -17.40 -15.90
N PRO D 199 -44.17 -17.49 -16.90
CA PRO D 199 -43.57 -16.28 -17.47
C PRO D 199 -44.66 -15.39 -18.07
N SER D 200 -44.61 -14.10 -17.76
CA SER D 200 -45.60 -13.14 -18.24
C SER D 200 -45.70 -13.05 -19.76
N SER D 201 -44.63 -13.44 -20.45
CA SER D 201 -44.59 -13.37 -21.91
C SER D 201 -45.25 -14.56 -22.60
N SER D 202 -45.54 -15.61 -21.85
CA SER D 202 -46.16 -16.82 -22.40
C SER D 202 -47.67 -16.79 -22.33
N LEU D 203 -48.22 -15.74 -21.71
CA LEU D 203 -49.66 -15.61 -21.58
C LEU D 203 -50.37 -15.54 -22.92
N GLY D 204 -49.64 -15.21 -23.97
CA GLY D 204 -50.24 -15.10 -25.28
C GLY D 204 -50.30 -16.40 -26.06
N THR D 205 -49.14 -17.03 -26.23
CA THR D 205 -49.05 -18.28 -26.97
C THR D 205 -49.40 -19.54 -26.18
N GLN D 206 -48.75 -19.73 -25.04
CA GLN D 206 -48.97 -20.89 -24.19
C GLN D 206 -50.36 -20.95 -23.54
N THR D 207 -51.10 -22.01 -23.83
CA THR D 207 -52.43 -22.18 -23.26
C THR D 207 -52.30 -22.90 -21.91
N TYR D 208 -53.22 -22.60 -21.01
CA TYR D 208 -53.21 -23.22 -19.68
C TYR D 208 -54.58 -23.81 -19.36
N ILE D 209 -54.58 -25.03 -18.82
CA ILE D 209 -55.81 -25.71 -18.46
C ILE D 209 -55.61 -26.52 -17.18
N CYS D 210 -56.47 -26.29 -16.20
CA CYS D 210 -56.38 -27.04 -14.95
C CYS D 210 -57.30 -28.24 -15.04
N ASN D 211 -56.76 -29.43 -14.79
CA ASN D 211 -57.54 -30.65 -14.83
C ASN D 211 -58.00 -30.97 -13.41
N VAL D 212 -59.30 -30.94 -13.20
CA VAL D 212 -59.87 -31.20 -11.88
C VAL D 212 -60.67 -32.50 -11.90
N ASN D 213 -60.50 -33.31 -10.86
CA ASN D 213 -61.22 -34.57 -10.77
C ASN D 213 -61.73 -34.82 -9.36
N HIS D 214 -63.01 -35.19 -9.27
CA HIS D 214 -63.66 -35.49 -8.00
C HIS D 214 -64.33 -36.84 -8.14
N LYS D 215 -63.60 -37.89 -7.77
CA LYS D 215 -64.09 -39.25 -7.86
C LYS D 215 -65.36 -39.51 -7.05
N PRO D 216 -65.44 -39.02 -5.81
CA PRO D 216 -66.63 -39.23 -4.99
C PRO D 216 -67.93 -38.99 -5.78
N SER D 217 -67.88 -38.06 -6.72
CA SER D 217 -69.04 -37.74 -7.54
C SER D 217 -68.78 -38.08 -9.00
N ASN D 218 -67.64 -38.71 -9.26
CA ASN D 218 -67.29 -39.07 -10.62
C ASN D 218 -67.37 -37.83 -11.49
N THR D 219 -66.48 -36.88 -11.22
CA THR D 219 -66.46 -35.62 -11.96
C THR D 219 -65.08 -35.31 -12.52
N LYS D 220 -65.05 -34.90 -13.77
CA LYS D 220 -63.82 -34.54 -14.46
C LYS D 220 -64.10 -33.28 -15.24
N VAL D 221 -63.36 -32.22 -14.99
CA VAL D 221 -63.57 -30.97 -15.69
C VAL D 221 -62.28 -30.23 -16.02
N ASP D 222 -62.11 -29.89 -17.29
CA ASP D 222 -60.93 -29.16 -17.73
C ASP D 222 -61.34 -27.72 -18.04
N LYS D 223 -60.75 -26.78 -17.31
CA LYS D 223 -61.06 -25.37 -17.50
C LYS D 223 -59.87 -24.59 -18.04
N LYS D 224 -60.08 -23.95 -19.19
CA LYS D 224 -59.04 -23.15 -19.82
C LYS D 224 -58.92 -21.82 -19.09
N VAL D 225 -57.71 -21.48 -18.67
CA VAL D 225 -57.48 -20.21 -17.97
C VAL D 225 -56.73 -19.25 -18.88
N GLU D 226 -57.42 -18.22 -19.33
CA GLU D 226 -56.84 -17.22 -20.23
C GLU D 226 -57.08 -15.80 -19.72
N PRO D 227 -56.40 -14.81 -20.29
CA PRO D 227 -56.60 -13.43 -19.85
C PRO D 227 -58.03 -12.98 -20.17
N LYS D 228 -58.67 -12.31 -19.22
CA LYS D 228 -60.03 -11.84 -19.40
C LYS D 228 -60.14 -10.91 -20.61
N GLY E 2 82.03 44.17 -27.93
CA GLY E 2 80.72 44.16 -27.20
C GLY E 2 80.49 45.39 -26.31
N TRP E 3 79.42 46.11 -26.61
CA TRP E 3 79.05 47.32 -25.86
C TRP E 3 77.90 46.92 -24.93
N ASN E 4 78.25 46.53 -23.71
CA ASN E 4 77.27 46.10 -22.73
C ASN E 4 76.60 47.24 -21.98
N TRP E 5 75.32 47.42 -22.24
CA TRP E 5 74.53 48.46 -21.60
C TRP E 5 74.70 48.35 -20.08
N PHE E 6 74.86 47.12 -19.60
CA PHE E 6 75.03 46.89 -18.17
C PHE E 6 76.36 47.37 -17.59
N ASP E 7 77.29 47.75 -18.46
CA ASP E 7 78.59 48.24 -17.99
C ASP E 7 78.65 49.76 -18.05
N ILE E 8 77.64 50.39 -18.64
CA ILE E 8 77.65 51.83 -18.78
C ILE E 8 77.77 52.65 -17.49
N THR E 9 76.97 52.32 -16.48
CA THR E 9 77.03 53.08 -15.23
C THR E 9 78.35 52.90 -14.51
N ASN E 10 79.09 51.85 -14.84
CA ASN E 10 80.38 51.61 -14.22
C ASN E 10 81.35 52.61 -14.81
N TRP E 11 81.28 52.76 -16.14
CA TRP E 11 82.12 53.70 -16.87
C TRP E 11 81.90 55.11 -16.35
N GLY E 12 80.64 55.48 -16.16
CA GLY E 12 80.31 56.80 -15.67
C GLY E 12 80.72 57.08 -14.23
N LYS E 13 80.64 56.06 -13.38
CA LYS E 13 80.99 56.21 -11.97
C LYS E 13 82.45 56.62 -11.82
N GLY F 2 -49.89 -51.59 37.95
CA GLY F 2 -49.75 -52.77 37.07
C GLY F 2 -50.98 -52.98 36.18
N TRP F 3 -51.14 -54.21 35.69
CA TRP F 3 -52.27 -54.54 34.84
C TRP F 3 -52.35 -53.65 33.60
N ASN F 4 -51.22 -53.49 32.91
CA ASN F 4 -51.18 -52.66 31.72
C ASN F 4 -51.53 -53.49 30.50
N TRP F 5 -52.63 -53.13 29.85
CA TRP F 5 -53.12 -53.81 28.66
C TRP F 5 -52.01 -54.01 27.62
N PHE F 6 -51.09 -53.06 27.52
CA PHE F 6 -50.02 -53.15 26.55
C PHE F 6 -48.95 -54.20 26.89
N ASP F 7 -49.01 -54.75 28.09
CA ASP F 7 -48.03 -55.78 28.51
C ASP F 7 -48.56 -57.20 28.37
N ILE F 8 -49.87 -57.33 28.17
CA ILE F 8 -50.50 -58.65 28.05
C ILE F 8 -49.91 -59.58 26.98
N THR F 9 -49.67 -59.05 25.78
CA THR F 9 -49.13 -59.91 24.72
C THR F 9 -47.69 -60.35 24.99
N ASN F 10 -46.99 -59.63 25.87
CA ASN F 10 -45.61 -60.00 26.19
C ASN F 10 -45.75 -61.25 27.07
N TRP F 11 -46.76 -61.23 27.93
CA TRP F 11 -47.05 -62.36 28.81
C TRP F 11 -47.40 -63.58 27.96
N GLY F 12 -48.27 -63.37 26.97
CA GLY F 12 -48.68 -64.45 26.10
C GLY F 12 -47.54 -65.11 25.35
N LYS F 13 -46.64 -64.30 24.80
CA LYS F 13 -45.50 -64.82 24.06
C LYS F 13 -44.62 -65.66 25.00
#